data_5FP3
#
_entry.id   5FP3
#
_cell.length_a   61.199
_cell.length_b   65.552
_cell.length_c   77.301
_cell.angle_alpha   85.59
_cell.angle_beta   67.65
_cell.angle_gamma   68.39
#
_symmetry.space_group_name_H-M   'P 1'
#
loop_
_entity.id
_entity.type
_entity.pdbx_description
1 polymer 'HUMAN LYSINE-SPECIFIC DEMETHYLASE 6B, JMJD3'
2 non-polymer '3-(4-phenylbutanoylamino)pyridine-4-carboxylic acid'
3 non-polymer 'ZINC ION'
4 non-polymer 'MAGNESIUM ION'
5 non-polymer BICINE
6 non-polymer 'COBALT (II) ION'
7 water water
#
_entity_poly.entity_id   1
_entity_poly.type   'polypeptide(L)'
_entity_poly.pdbx_seq_one_letter_code
;MDVVRASRNAKVKGKFRESYLSPAQSVKPKINTEEKLPREKLNPPTPSIYLESKRDAFSPVLLQFCTDPRNPITVIRGLA
GSLRLNLGLFSTKTLVEASGEHTVEVRTQVQQPSDENWDLTGTRQIWPCESSRSHTTIAKYAQYQASSFQESLQEEKESE
DEESEEPDSTTGTPPSSAPDPKNHHIIKFGTNIDLSDAKRWKPQLQELLKLPAFMRVTSTGNMLSHVGHTILGMNTVQLY
MKVPGSRTPGHQENNNFCSVNINIGPGDCEWFAVHEHYWETISAFCDRHGVDYLTGSWWPILDDLYASNIPVYRFVQRPG
DLVWINAGTVHWVQATGWCNNIAWNVGPLTAYQYQLALERYEWNEVKNVKSIVPMIHVSWNVARTVKISDPDLFKMIKFC
LLQSMKHCQVQRESLVRAGKKIAYQGRVKDEPAYYCNECDVEVFNILFVTSENGSRNTYLVHCEGCARRRSAGLQGVVVL
EQYRTEELAQAYDAFTLAPASTSRHHHHHH
;
_entity_poly.pdbx_strand_id   A,B
#
loop_
_chem_comp.id
_chem_comp.type
_chem_comp.name
_chem_comp.formula
BCN non-polymer BICINE 'C6 H13 N O4'
CO non-polymer 'COBALT (II) ION' 'Co 2'
MG non-polymer 'MAGNESIUM ION' 'Mg 2'
YC8 non-polymer '3-(4-phenylbutanoylamino)pyridine-4-carboxylic acid' 'C16 H16 N2 O3'
ZN non-polymer 'ZINC ION' 'Zn 2'
#
# COMPACT_ATOMS: atom_id res chain seq x y z
N PRO A 38 -20.59 5.98 -22.23
CA PRO A 38 -20.36 6.86 -23.37
C PRO A 38 -19.40 6.24 -24.39
N ARG A 39 -19.53 6.65 -25.65
CA ARG A 39 -18.72 6.10 -26.75
C ARG A 39 -17.23 6.47 -26.64
N GLU A 40 -16.96 7.67 -26.15
CA GLU A 40 -15.59 8.17 -26.01
C GLU A 40 -14.83 7.43 -24.90
N LYS A 41 -15.47 7.29 -23.73
CA LYS A 41 -14.86 6.64 -22.58
C LYS A 41 -14.59 5.15 -22.81
N LEU A 42 -15.45 4.50 -23.60
CA LEU A 42 -15.29 3.08 -23.94
C LEU A 42 -14.21 2.85 -25.00
N ASN A 43 -13.76 3.92 -25.66
CA ASN A 43 -12.67 3.86 -26.63
C ASN A 43 -11.55 4.83 -26.24
N PRO A 44 -10.87 4.56 -25.10
CA PRO A 44 -9.86 5.49 -24.61
C PRO A 44 -8.60 5.49 -25.48
N PRO A 45 -7.86 6.61 -25.49
CA PRO A 45 -6.64 6.69 -26.28
C PRO A 45 -5.52 5.85 -25.66
N THR A 46 -4.75 5.16 -26.51
CA THR A 46 -3.66 4.32 -26.02
C THR A 46 -2.46 5.17 -25.57
N PRO A 47 -1.97 4.94 -24.34
CA PRO A 47 -0.75 5.62 -23.86
C PRO A 47 0.44 5.41 -24.79
N SER A 48 1.02 6.50 -25.28
CA SER A 48 2.09 6.46 -26.26
C SER A 48 3.27 7.34 -25.86
N ILE A 49 4.46 6.92 -26.26
CA ILE A 49 5.69 7.67 -25.99
C ILE A 49 6.64 7.56 -27.17
N TYR A 50 7.27 8.67 -27.55
CA TYR A 50 8.43 8.63 -28.44
C TYR A 50 9.67 9.09 -27.69
N LEU A 51 10.76 8.34 -27.85
CA LEU A 51 12.05 8.71 -27.27
C LEU A 51 12.86 9.47 -28.32
N GLU A 52 12.99 10.78 -28.12
CA GLU A 52 13.74 11.64 -29.04
C GLU A 52 15.23 11.28 -29.08
N SER A 53 15.76 10.86 -27.93
CA SER A 53 17.16 10.48 -27.81
C SER A 53 17.33 9.26 -26.92
N LYS A 54 18.56 8.76 -26.84
CA LYS A 54 18.90 7.64 -25.97
C LYS A 54 18.74 8.00 -24.49
N ARG A 55 18.98 9.27 -24.14
CA ARG A 55 18.83 9.75 -22.78
C ARG A 55 17.39 9.59 -22.27
N ASP A 56 16.43 9.80 -23.15
CA ASP A 56 15.00 9.74 -22.78
C ASP A 56 14.58 8.32 -22.37
N ALA A 57 15.18 7.31 -22.99
CA ALA A 57 14.87 5.91 -22.69
C ALA A 57 15.29 5.50 -21.27
N PHE A 58 16.37 6.10 -20.78
CA PHE A 58 16.88 5.80 -19.43
C PHE A 58 16.40 6.81 -18.39
N SER A 59 15.39 7.61 -18.73
CA SER A 59 14.82 8.59 -17.81
C SER A 59 13.91 7.90 -16.79
N PRO A 60 14.00 8.31 -15.51
CA PRO A 60 13.06 7.83 -14.48
C PRO A 60 11.58 8.10 -14.81
N VAL A 61 11.32 9.13 -15.62
CA VAL A 61 9.95 9.45 -16.05
C VAL A 61 9.33 8.32 -16.87
N LEU A 62 10.15 7.65 -17.68
CA LEU A 62 9.67 6.52 -18.50
C LEU A 62 9.19 5.35 -17.63
N LEU A 63 9.93 5.08 -16.55
CA LEU A 63 9.58 4.00 -15.62
C LEU A 63 8.24 4.24 -14.94
N GLN A 64 8.06 5.45 -14.38
CA GLN A 64 6.84 5.77 -13.65
C GLN A 64 5.62 5.89 -14.57
N PHE A 65 5.85 6.23 -15.85
CA PHE A 65 4.77 6.24 -16.83
C PHE A 65 4.32 4.82 -17.18
N CYS A 66 5.29 3.95 -17.47
CA CYS A 66 5.00 2.57 -17.84
C CYS A 66 4.40 1.75 -16.69
N THR A 67 4.78 2.06 -15.46
CA THR A 67 4.31 1.32 -14.29
C THR A 67 3.12 1.99 -13.58
N ASP A 68 2.69 3.16 -14.06
CA ASP A 68 1.53 3.85 -13.47
C ASP A 68 0.30 2.96 -13.60
N PRO A 69 -0.37 2.65 -12.47
CA PRO A 69 -1.61 1.87 -12.50
C PRO A 69 -2.70 2.41 -13.44
N ARG A 70 -2.68 3.73 -13.68
CA ARG A 70 -3.61 4.36 -14.62
C ARG A 70 -3.30 4.02 -16.09
N ASN A 71 -2.06 3.60 -16.36
CA ASN A 71 -1.67 3.15 -17.69
C ASN A 71 -1.58 1.63 -17.73
N PRO A 72 -2.65 0.95 -18.22
CA PRO A 72 -2.62 -0.51 -18.27
C PRO A 72 -1.69 -1.04 -19.37
N ILE A 73 -1.49 -0.25 -20.42
CA ILE A 73 -0.62 -0.65 -21.51
C ILE A 73 0.03 0.60 -22.14
N THR A 74 1.32 0.49 -22.48
CA THR A 74 2.07 1.59 -23.06
C THR A 74 2.82 1.13 -24.31
N VAL A 75 2.61 1.85 -25.41
CA VAL A 75 3.36 1.60 -26.64
C VAL A 75 4.45 2.66 -26.78
N ILE A 76 5.70 2.22 -26.89
CA ILE A 76 6.83 3.12 -27.09
C ILE A 76 7.19 3.11 -28.57
N ARG A 77 6.86 4.19 -29.27
CA ARG A 77 7.03 4.27 -30.71
C ARG A 77 8.50 4.45 -31.09
N GLY A 78 8.97 3.64 -32.02
CA GLY A 78 10.35 3.73 -32.52
C GLY A 78 11.40 3.57 -31.43
N LEU A 79 11.18 2.62 -30.52
CA LEU A 79 12.13 2.34 -29.45
C LEU A 79 13.41 1.74 -30.01
N ALA A 80 13.28 0.83 -30.96
CA ALA A 80 14.44 0.18 -31.60
C ALA A 80 15.41 1.20 -32.16
N GLY A 81 14.90 2.13 -32.97
CA GLY A 81 15.73 3.17 -33.57
C GLY A 81 16.35 4.12 -32.57
N SER A 82 15.59 4.52 -31.56
CA SER A 82 16.08 5.43 -30.52
C SER A 82 17.26 4.82 -29.75
N LEU A 83 17.21 3.51 -29.52
CA LEU A 83 18.28 2.80 -28.80
C LEU A 83 19.23 2.07 -29.74
N ARG A 84 19.03 2.23 -31.04
CA ARG A 84 19.85 1.56 -32.07
C ARG A 84 19.88 0.04 -31.87
N LEU A 85 18.70 -0.53 -31.64
CA LEU A 85 18.57 -1.99 -31.51
C LEU A 85 18.63 -2.63 -32.88
N ASN A 86 19.55 -3.59 -33.04
CA ASN A 86 19.65 -4.35 -34.27
C ASN A 86 18.57 -5.43 -34.33
N LEU A 87 17.38 -5.05 -34.80
CA LEU A 87 16.26 -5.98 -34.93
C LEU A 87 16.43 -6.96 -36.09
N GLY A 88 17.41 -6.70 -36.97
CA GLY A 88 17.79 -7.65 -38.01
C GLY A 88 18.27 -8.99 -37.45
N LEU A 89 18.81 -8.97 -36.23
CA LEU A 89 19.21 -10.19 -35.53
C LEU A 89 18.02 -11.10 -35.22
N PHE A 90 16.81 -10.54 -35.18
CA PHE A 90 15.59 -11.31 -34.93
C PHE A 90 14.77 -11.53 -36.21
N SER A 91 15.34 -11.17 -37.36
CA SER A 91 14.68 -11.43 -38.64
C SER A 91 14.62 -12.92 -38.90
N THR A 92 13.65 -13.35 -39.71
CA THR A 92 13.45 -14.76 -40.02
C THR A 92 14.69 -15.38 -40.67
N LYS A 93 15.31 -14.65 -41.59
CA LYS A 93 16.55 -15.09 -42.24
C LYS A 93 17.64 -15.37 -41.20
N THR A 94 17.84 -14.44 -40.28
CA THR A 94 18.87 -14.58 -39.24
C THR A 94 18.56 -15.73 -38.28
N LEU A 95 17.29 -15.89 -37.93
CA LEU A 95 16.85 -16.98 -37.04
C LEU A 95 17.07 -18.35 -37.68
N VAL A 96 16.78 -18.47 -38.97
CA VAL A 96 17.00 -19.70 -39.71
C VAL A 96 18.50 -20.04 -39.75
N GLU A 97 19.32 -19.01 -39.97
CA GLU A 97 20.78 -19.17 -39.97
C GLU A 97 21.32 -19.56 -38.59
N ALA A 98 20.73 -19.02 -37.53
CA ALA A 98 21.18 -19.27 -36.16
C ALA A 98 20.82 -20.67 -35.68
N SER A 99 19.56 -21.07 -35.91
CA SER A 99 19.08 -22.39 -35.48
C SER A 99 17.88 -22.83 -36.31
N GLY A 100 18.15 -23.34 -37.51
CA GLY A 100 17.10 -23.76 -38.44
C GLY A 100 16.26 -24.94 -37.96
N GLU A 101 16.85 -25.81 -37.15
CA GLU A 101 16.16 -27.00 -36.64
C GLU A 101 15.48 -26.77 -35.28
N HIS A 102 15.48 -25.53 -34.80
CA HIS A 102 14.88 -25.20 -33.51
C HIS A 102 13.42 -25.50 -33.52
N THR A 103 12.89 -25.97 -32.39
CA THR A 103 11.49 -26.38 -32.30
C THR A 103 10.55 -25.17 -32.31
N VAL A 104 9.51 -25.25 -33.14
CA VAL A 104 8.46 -24.24 -33.20
C VAL A 104 7.13 -24.91 -32.89
N GLU A 105 6.43 -24.39 -31.88
CA GLU A 105 5.10 -24.87 -31.55
C GLU A 105 4.11 -24.17 -32.49
N VAL A 106 3.46 -24.96 -33.35
CA VAL A 106 2.54 -24.40 -34.35
C VAL A 106 1.10 -24.48 -33.88
N ARG A 107 0.37 -23.37 -34.05
CA ARG A 107 -1.06 -23.31 -33.77
C ARG A 107 -1.80 -23.11 -35.09
N THR A 108 -2.52 -24.13 -35.52
CA THR A 108 -3.34 -24.04 -36.72
C THR A 108 -4.65 -23.33 -36.38
N GLN A 109 -4.99 -22.31 -37.17
CA GLN A 109 -6.12 -21.44 -36.90
C GLN A 109 -6.89 -21.12 -38.18
N VAL A 110 -8.16 -20.78 -38.03
CA VAL A 110 -8.94 -20.21 -39.11
C VAL A 110 -8.71 -18.71 -39.11
N GLN A 111 -8.33 -18.16 -40.26
CA GLN A 111 -8.09 -16.71 -40.38
C GLN A 111 -9.41 -15.97 -40.35
N GLN A 112 -9.48 -14.92 -39.55
CA GLN A 112 -10.67 -14.08 -39.49
C GLN A 112 -10.33 -12.68 -38.96
N PRO A 113 -11.15 -11.67 -39.31
CA PRO A 113 -10.91 -10.29 -38.84
C PRO A 113 -10.71 -10.20 -37.33
N SER A 114 -9.91 -9.22 -36.91
CA SER A 114 -9.55 -9.06 -35.50
C SER A 114 -10.74 -8.82 -34.58
N ASP A 115 -11.84 -8.30 -35.14
CA ASP A 115 -13.05 -8.07 -34.36
C ASP A 115 -14.11 -9.16 -34.54
N GLU A 116 -13.68 -10.34 -34.98
CA GLU A 116 -14.61 -11.45 -35.23
C GLU A 116 -14.09 -12.78 -34.72
N ASN A 117 -15.01 -13.60 -34.23
CA ASN A 117 -14.74 -14.98 -33.85
C ASN A 117 -16.01 -15.81 -34.04
N TRP A 118 -16.08 -16.53 -35.15
CA TRP A 118 -17.32 -17.15 -35.59
C TRP A 118 -17.54 -18.53 -35.04
N ASP A 119 -18.81 -18.91 -34.90
CA ASP A 119 -19.17 -20.29 -34.59
C ASP A 119 -19.06 -21.13 -35.87
N LEU A 120 -19.26 -22.44 -35.75
CA LEU A 120 -19.08 -23.36 -36.88
C LEU A 120 -20.05 -23.09 -38.03
N THR A 121 -21.23 -22.53 -37.72
CA THR A 121 -22.22 -22.18 -38.74
C THR A 121 -21.88 -20.84 -39.41
N GLY A 122 -21.16 -19.99 -38.69
CA GLY A 122 -20.77 -18.67 -39.20
C GLY A 122 -21.91 -17.68 -39.18
N THR A 123 -22.73 -17.74 -38.14
CA THR A 123 -23.90 -16.87 -38.01
C THR A 123 -23.94 -16.05 -36.71
N ARG A 124 -22.98 -16.30 -35.81
CA ARG A 124 -22.91 -15.56 -34.54
C ARG A 124 -21.49 -15.56 -33.98
N GLN A 125 -21.23 -14.60 -33.10
CA GLN A 125 -19.93 -14.48 -32.45
C GLN A 125 -19.88 -15.38 -31.23
N ILE A 126 -18.73 -16.01 -30.99
CA ILE A 126 -18.51 -16.84 -29.81
C ILE A 126 -17.18 -16.47 -29.13
N TRP A 127 -17.08 -16.80 -27.83
CA TRP A 127 -15.88 -16.51 -27.04
C TRP A 127 -14.76 -17.51 -27.22
N PRO A 128 -15.07 -18.82 -27.20
CA PRO A 128 -13.98 -19.79 -27.37
C PRO A 128 -13.28 -19.67 -28.72
N CYS A 129 -11.94 -19.71 -28.69
CA CYS A 129 -11.14 -19.66 -29.91
CA CYS A 129 -11.13 -19.64 -29.89
C CYS A 129 -10.08 -20.76 -29.87
N GLU A 130 -10.50 -21.97 -30.22
CA GLU A 130 -9.63 -23.14 -30.14
C GLU A 130 -8.68 -23.23 -31.33
N SER A 131 -7.54 -23.89 -31.11
CA SER A 131 -6.53 -24.11 -32.14
C SER A 131 -5.89 -25.49 -31.96
N SER A 132 -5.61 -26.15 -33.08
CA SER A 132 -4.90 -27.43 -33.06
C SER A 132 -3.42 -27.18 -32.81
N ARG A 133 -2.81 -28.01 -31.98
CA ARG A 133 -1.38 -27.89 -31.68
C ARG A 133 -0.56 -28.93 -32.44
N SER A 134 0.51 -28.48 -33.09
CA SER A 134 1.48 -29.36 -33.73
C SER A 134 2.86 -28.75 -33.58
N HIS A 135 3.88 -29.42 -34.12
CA HIS A 135 5.26 -28.95 -34.01
C HIS A 135 5.98 -28.98 -35.33
N THR A 136 6.85 -27.99 -35.52
CA THR A 136 7.70 -27.91 -36.70
C THR A 136 9.02 -27.22 -36.34
N THR A 137 9.80 -26.84 -37.35
CA THR A 137 11.07 -26.16 -37.13
C THR A 137 10.99 -24.70 -37.55
N ILE A 138 11.96 -23.90 -37.12
CA ILE A 138 12.06 -22.51 -37.55
C ILE A 138 12.23 -22.42 -39.07
N ALA A 139 13.12 -23.25 -39.61
CA ALA A 139 13.39 -23.27 -41.05
C ALA A 139 12.12 -23.58 -41.85
N LYS A 140 11.35 -24.56 -41.37
CA LYS A 140 10.11 -24.95 -42.05
C LYS A 140 9.01 -23.90 -41.92
N TYR A 141 8.85 -23.31 -40.74
CA TYR A 141 7.88 -22.23 -40.58
C TYR A 141 8.30 -21.00 -41.39
N ALA A 142 9.61 -20.73 -41.41
CA ALA A 142 10.17 -19.63 -42.18
C ALA A 142 9.81 -19.71 -43.66
N GLN A 143 9.89 -20.92 -44.22
CA GLN A 143 9.55 -21.14 -45.63
C GLN A 143 8.06 -20.90 -45.85
N TYR A 144 7.23 -21.35 -44.93
CA TYR A 144 5.78 -21.09 -44.96
C TYR A 144 5.52 -19.59 -44.84
N GLN A 145 6.23 -18.93 -43.93
CA GLN A 145 6.10 -17.48 -43.74
C GLN A 145 6.52 -16.73 -45.00
N ALA A 146 7.64 -17.15 -45.59
CA ALA A 146 8.21 -16.50 -46.77
C ALA A 146 7.39 -16.75 -48.03
N SER A 147 7.04 -18.01 -48.28
CA SER A 147 6.26 -18.36 -49.46
C SER A 147 4.90 -17.67 -49.41
N SER A 148 4.22 -17.81 -48.27
CA SER A 148 2.94 -17.14 -48.01
C SER A 148 2.99 -15.64 -48.35
N PHE A 149 4.09 -14.98 -47.99
CA PHE A 149 4.30 -13.57 -48.31
C PHE A 149 4.38 -13.33 -49.81
N GLN A 150 5.03 -14.25 -50.52
CA GLN A 150 5.18 -14.16 -51.98
C GLN A 150 3.88 -14.51 -52.73
N GLU A 151 3.02 -15.32 -52.11
CA GLU A 151 1.73 -15.68 -52.71
C GLU A 151 0.83 -14.44 -52.91
N SER A 152 0.93 -13.49 -51.98
CA SER A 152 0.15 -12.25 -52.04
C SER A 152 0.86 -11.16 -52.85
N LEU A 153 1.92 -11.53 -53.58
CA LEU A 153 2.69 -10.59 -54.40
C LEU A 153 3.24 -9.42 -53.58
N PRO A 181 -3.35 -10.70 -45.63
CA PRO A 181 -3.97 -12.01 -45.69
C PRO A 181 -3.08 -13.05 -46.38
N LYS A 182 -3.18 -14.30 -45.93
CA LYS A 182 -2.37 -15.38 -46.49
C LYS A 182 -2.90 -16.77 -46.13
N ASN A 183 -2.43 -17.76 -46.88
CA ASN A 183 -2.84 -19.16 -46.70
C ASN A 183 -4.36 -19.41 -46.84
N HIS A 184 -5.05 -18.47 -47.50
CA HIS A 184 -6.50 -18.52 -47.66
C HIS A 184 -7.22 -18.45 -46.33
N HIS A 185 -7.97 -19.50 -45.99
CA HIS A 185 -8.78 -19.51 -44.78
C HIS A 185 -8.01 -19.98 -43.58
N ILE A 186 -7.34 -21.13 -43.72
CA ILE A 186 -6.58 -21.72 -42.61
C ILE A 186 -5.14 -21.20 -42.60
N ILE A 187 -4.65 -20.85 -41.41
CA ILE A 187 -3.27 -20.36 -41.26
C ILE A 187 -2.56 -21.03 -40.10
N LYS A 188 -1.24 -20.86 -40.04
CA LYS A 188 -0.42 -21.44 -38.98
C LYS A 188 0.38 -20.35 -38.28
N PHE A 189 0.42 -20.44 -36.95
CA PHE A 189 1.05 -19.43 -36.09
C PHE A 189 2.17 -20.08 -35.30
N GLY A 190 3.40 -19.65 -35.55
CA GLY A 190 4.59 -20.21 -34.90
C GLY A 190 4.80 -19.59 -33.54
N THR A 191 4.48 -20.35 -32.49
CA THR A 191 4.52 -19.81 -31.14
C THR A 191 5.56 -20.48 -30.26
N ASN A 192 5.78 -19.87 -29.10
CA ASN A 192 6.57 -20.44 -28.02
C ASN A 192 7.95 -20.92 -28.46
N ILE A 193 8.65 -20.10 -29.23
CA ILE A 193 9.99 -20.44 -29.68
C ILE A 193 10.97 -19.99 -28.61
N ASP A 194 11.79 -20.93 -28.15
CA ASP A 194 12.62 -20.76 -26.95
C ASP A 194 14.00 -20.18 -27.30
N LEU A 195 14.25 -18.93 -26.87
CA LEU A 195 15.56 -18.30 -27.05
C LEU A 195 16.33 -18.15 -25.74
N SER A 196 16.26 -19.18 -24.90
CA SER A 196 16.91 -19.15 -23.58
C SER A 196 18.39 -19.52 -23.62
N ASP A 197 18.81 -20.26 -24.65
CA ASP A 197 20.19 -20.72 -24.77
C ASP A 197 21.14 -19.54 -25.05
N ALA A 198 21.96 -19.20 -24.05
CA ALA A 198 22.84 -18.04 -24.12
C ALA A 198 23.88 -18.12 -25.22
N LYS A 199 24.44 -19.31 -25.43
CA LYS A 199 25.45 -19.52 -26.47
C LYS A 199 24.85 -19.53 -27.87
N ARG A 200 23.65 -20.10 -27.99
CA ARG A 200 22.97 -20.26 -29.28
C ARG A 200 22.44 -18.92 -29.81
N TRP A 201 22.00 -18.06 -28.90
CA TRP A 201 21.41 -16.76 -29.27
C TRP A 201 22.17 -15.61 -28.66
N LYS A 202 23.50 -15.72 -28.65
CA LYS A 202 24.36 -14.73 -28.00
C LYS A 202 24.18 -13.31 -28.54
N PRO A 203 24.34 -13.11 -29.87
CA PRO A 203 24.16 -11.73 -30.38
C PRO A 203 22.75 -11.18 -30.18
N GLN A 204 21.74 -12.06 -30.25
CA GLN A 204 20.36 -11.66 -30.05
C GLN A 204 20.11 -11.14 -28.63
N LEU A 205 20.53 -11.93 -27.64
CA LEU A 205 20.33 -11.59 -26.23
C LEU A 205 21.19 -10.40 -25.78
N GLN A 206 22.42 -10.33 -26.28
CA GLN A 206 23.30 -9.18 -25.99
C GLN A 206 22.69 -7.87 -26.48
N GLU A 207 21.98 -7.94 -27.61
CA GLU A 207 21.35 -6.76 -28.20
C GLU A 207 20.28 -6.17 -27.28
N LEU A 208 19.60 -7.03 -26.52
CA LEU A 208 18.53 -6.59 -25.61
C LEU A 208 19.07 -5.94 -24.32
N LEU A 209 20.38 -5.96 -24.13
CA LEU A 209 21.01 -5.26 -22.99
C LEU A 209 21.03 -3.73 -23.19
N LYS A 210 20.75 -3.28 -24.42
CA LYS A 210 20.66 -1.84 -24.72
C LYS A 210 19.39 -1.19 -24.18
N LEU A 211 18.41 -2.00 -23.81
CA LEU A 211 17.18 -1.50 -23.20
C LEU A 211 17.45 -0.94 -21.81
N PRO A 212 16.58 -0.01 -21.34
CA PRO A 212 16.70 0.49 -19.97
C PRO A 212 16.50 -0.61 -18.93
N ALA A 213 17.12 -0.46 -17.77
CA ALA A 213 17.20 -1.50 -16.75
C ALA A 213 15.86 -2.21 -16.50
N PHE A 214 14.80 -1.44 -16.26
CA PHE A 214 13.51 -2.01 -15.85
C PHE A 214 12.83 -2.87 -16.93
N MET A 215 13.27 -2.74 -18.19
CA MET A 215 12.72 -3.53 -19.30
C MET A 215 13.59 -4.72 -19.68
N ARG A 216 14.80 -4.82 -19.13
CA ARG A 216 15.73 -5.89 -19.47
C ARG A 216 15.23 -7.26 -19.02
N VAL A 217 15.78 -8.31 -19.63
CA VAL A 217 15.48 -9.68 -19.24
C VAL A 217 15.96 -9.93 -17.81
N THR A 218 17.12 -9.36 -17.46
CA THR A 218 17.68 -9.50 -16.12
C THR A 218 18.05 -8.13 -15.55
N SER A 219 17.55 -7.83 -14.36
CA SER A 219 17.92 -6.62 -13.63
C SER A 219 17.65 -6.79 -12.14
N THR A 220 18.36 -6.04 -11.31
CA THR A 220 18.20 -6.14 -9.85
C THR A 220 16.80 -5.74 -9.38
N GLY A 221 16.15 -4.84 -10.13
CA GLY A 221 14.79 -4.41 -9.83
C GLY A 221 13.68 -5.30 -10.39
N ASN A 222 14.06 -6.43 -10.96
CA ASN A 222 13.11 -7.39 -11.55
C ASN A 222 12.99 -8.64 -10.67
N MET A 223 11.81 -8.83 -10.06
CA MET A 223 11.54 -10.01 -9.22
C MET A 223 11.94 -11.32 -9.88
N LEU A 224 11.70 -11.44 -11.17
CA LEU A 224 12.05 -12.65 -11.92
C LEU A 224 13.56 -12.92 -11.97
N SER A 225 14.36 -11.88 -11.73
CA SER A 225 15.81 -12.03 -11.63
C SER A 225 16.28 -12.48 -10.24
N HIS A 226 15.34 -12.65 -9.31
CA HIS A 226 15.65 -13.14 -7.97
C HIS A 226 15.04 -14.49 -7.70
N VAL A 227 14.57 -15.14 -8.76
CA VAL A 227 14.05 -16.50 -8.65
C VAL A 227 15.20 -17.47 -8.37
N GLY A 228 16.31 -17.30 -9.06
CA GLY A 228 17.50 -18.13 -8.87
C GLY A 228 17.64 -19.24 -9.91
N HIS A 229 16.66 -19.35 -10.79
CA HIS A 229 16.67 -20.36 -11.85
C HIS A 229 15.78 -19.94 -12.99
N THR A 230 15.87 -20.68 -14.09
CA THR A 230 15.11 -20.36 -15.30
C THR A 230 13.61 -20.67 -15.14
N ILE A 231 12.79 -19.66 -15.41
CA ILE A 231 11.36 -19.84 -15.60
C ILE A 231 11.07 -19.59 -17.08
N LEU A 232 10.95 -20.66 -17.86
CA LEU A 232 10.86 -20.54 -19.33
C LEU A 232 9.78 -19.57 -19.79
N GLY A 233 10.20 -18.52 -20.49
CA GLY A 233 9.28 -17.56 -21.09
C GLY A 233 9.01 -16.33 -20.26
N MET A 234 9.44 -16.32 -19.00
CA MET A 234 9.24 -15.16 -18.14
C MET A 234 10.56 -14.42 -17.94
N ASN A 235 11.58 -15.14 -17.45
CA ASN A 235 12.94 -14.59 -17.37
C ASN A 235 13.86 -15.17 -18.44
N THR A 236 13.27 -15.72 -19.49
CA THR A 236 13.97 -15.99 -20.75
C THR A 236 13.09 -15.48 -21.89
N VAL A 237 13.71 -15.20 -23.04
CA VAL A 237 13.01 -14.60 -24.17
C VAL A 237 12.30 -15.64 -25.03
N GLN A 238 11.03 -15.36 -25.36
N GLN A 238 11.04 -15.34 -25.39
CA GLN A 238 10.26 -16.18 -26.30
CA GLN A 238 10.27 -16.18 -26.30
C GLN A 238 10.08 -15.44 -27.62
C GLN A 238 10.05 -15.44 -27.62
N LEU A 239 10.11 -16.19 -28.71
CA LEU A 239 9.96 -15.64 -30.06
C LEU A 239 8.67 -16.15 -30.70
N TYR A 240 7.94 -15.25 -31.36
CA TYR A 240 6.73 -15.61 -32.10
C TYR A 240 6.92 -15.26 -33.57
N MET A 241 6.60 -16.20 -34.45
CA MET A 241 6.67 -15.97 -35.89
C MET A 241 5.26 -16.05 -36.46
N LYS A 242 4.83 -14.99 -37.15
CA LYS A 242 3.43 -14.80 -37.50
C LYS A 242 3.20 -14.60 -38.99
N VAL A 243 2.00 -14.99 -39.43
CA VAL A 243 1.44 -14.61 -40.73
C VAL A 243 0.16 -13.82 -40.43
N PRO A 244 -0.36 -13.07 -41.42
CA PRO A 244 -1.58 -12.30 -41.19
C PRO A 244 -2.73 -13.13 -40.62
N GLY A 245 -3.30 -12.65 -39.51
CA GLY A 245 -4.38 -13.36 -38.84
C GLY A 245 -3.94 -14.18 -37.63
N SER A 246 -2.65 -14.51 -37.55
CA SER A 246 -2.11 -15.23 -36.41
C SER A 246 -2.61 -14.61 -35.11
N ARG A 247 -3.37 -15.38 -34.34
CA ARG A 247 -4.17 -14.87 -33.24
C ARG A 247 -3.64 -15.34 -31.88
N THR A 248 -3.51 -14.40 -30.95
CA THR A 248 -3.10 -14.68 -29.58
C THR A 248 -4.30 -14.49 -28.65
N PRO A 249 -4.90 -15.61 -28.18
CA PRO A 249 -6.07 -15.53 -27.30
C PRO A 249 -5.88 -14.69 -26.04
N GLY A 250 -6.98 -14.21 -25.47
CA GLY A 250 -6.94 -13.30 -24.34
C GLY A 250 -6.38 -13.91 -23.07
N HIS A 251 -5.72 -13.08 -22.26
CA HIS A 251 -5.13 -13.55 -21.02
C HIS A 251 -4.59 -12.43 -20.18
N GLN A 252 -4.37 -12.73 -18.90
CA GLN A 252 -3.44 -11.99 -18.07
C GLN A 252 -2.15 -12.80 -18.02
N GLU A 253 -1.03 -12.15 -17.76
CA GLU A 253 0.25 -12.84 -17.65
C GLU A 253 0.28 -13.74 -16.43
N ASN A 254 1.14 -14.76 -16.48
CA ASN A 254 1.39 -15.63 -15.32
C ASN A 254 1.65 -14.77 -14.08
N ASN A 255 0.83 -14.98 -13.04
CA ASN A 255 0.93 -14.24 -11.78
C ASN A 255 0.88 -12.72 -11.95
N ASN A 256 0.11 -12.27 -12.93
CA ASN A 256 -0.09 -10.84 -13.23
C ASN A 256 1.20 -10.02 -13.37
N PHE A 257 2.27 -10.66 -13.84
CA PHE A 257 3.54 -9.96 -14.05
C PHE A 257 3.45 -9.07 -15.28
N CYS A 258 4.22 -7.99 -15.30
CA CYS A 258 4.30 -7.14 -16.48
C CYS A 258 4.97 -7.89 -17.61
N SER A 259 4.81 -7.40 -18.83
CA SER A 259 5.47 -8.01 -19.99
CA SER A 259 5.42 -8.02 -20.01
C SER A 259 5.97 -6.96 -20.97
N VAL A 260 6.98 -7.36 -21.73
CA VAL A 260 7.58 -6.53 -22.77
C VAL A 260 7.41 -7.28 -24.07
N ASN A 261 6.94 -6.59 -25.10
CA ASN A 261 6.80 -7.17 -26.43
C ASN A 261 7.32 -6.22 -27.49
N ILE A 262 8.26 -6.69 -28.30
CA ILE A 262 8.84 -5.90 -29.38
C ILE A 262 8.48 -6.53 -30.72
N ASN A 263 7.88 -5.73 -31.60
CA ASN A 263 7.58 -6.16 -32.97
C ASN A 263 8.82 -6.00 -33.83
N ILE A 264 9.28 -7.12 -34.40
CA ILE A 264 10.44 -7.12 -35.29
C ILE A 264 10.05 -6.67 -36.70
N GLY A 265 8.79 -6.91 -37.07
CA GLY A 265 8.30 -6.56 -38.40
C GLY A 265 8.47 -7.73 -39.35
N PRO A 266 8.31 -7.49 -40.66
CA PRO A 266 8.03 -6.21 -41.30
C PRO A 266 6.59 -5.70 -41.14
N GLY A 267 5.67 -6.57 -40.72
CA GLY A 267 4.26 -6.22 -40.59
C GLY A 267 3.87 -5.74 -39.21
N ASP A 268 2.61 -5.36 -39.07
CA ASP A 268 2.06 -4.81 -37.82
C ASP A 268 1.31 -5.86 -37.01
N CYS A 269 1.19 -5.59 -35.71
CA CYS A 269 0.31 -6.34 -34.83
C CYS A 269 -0.79 -5.42 -34.33
N GLU A 270 -2.01 -5.97 -34.23
CA GLU A 270 -3.13 -5.24 -33.66
C GLU A 270 -3.37 -5.74 -32.24
N TRP A 271 -3.43 -4.80 -31.30
CA TRP A 271 -3.52 -5.10 -29.88
C TRP A 271 -4.84 -4.68 -29.29
N PHE A 272 -5.33 -5.48 -28.34
CA PHE A 272 -6.53 -5.16 -27.57
C PHE A 272 -6.18 -5.32 -26.11
N ALA A 273 -6.72 -4.44 -25.26
CA ALA A 273 -6.37 -4.45 -23.84
C ALA A 273 -7.45 -3.86 -22.95
N VAL A 274 -7.64 -4.48 -21.79
CA VAL A 274 -8.57 -4.01 -20.78
C VAL A 274 -7.81 -3.93 -19.45
N HIS A 275 -8.15 -2.91 -18.66
CA HIS A 275 -7.50 -2.68 -17.36
C HIS A 275 -7.74 -3.85 -16.45
N GLU A 276 -6.77 -4.12 -15.58
CA GLU A 276 -6.85 -5.23 -14.61
C GLU A 276 -8.15 -5.19 -13.80
N HIS A 277 -8.60 -3.99 -13.45
CA HIS A 277 -9.84 -3.77 -12.69
C HIS A 277 -11.03 -4.57 -13.17
N TYR A 278 -11.12 -4.82 -14.48
CA TYR A 278 -12.28 -5.50 -15.07
C TYR A 278 -12.10 -7.01 -15.29
N TRP A 279 -11.04 -7.61 -14.73
CA TRP A 279 -10.71 -9.01 -15.07
C TRP A 279 -11.75 -10.02 -14.63
N GLU A 280 -12.43 -9.75 -13.51
CA GLU A 280 -13.46 -10.67 -13.02
C GLU A 280 -14.68 -10.71 -13.93
N THR A 281 -15.01 -9.57 -14.54
CA THR A 281 -16.08 -9.52 -15.53
C THR A 281 -15.70 -10.33 -16.77
N ILE A 282 -14.44 -10.25 -17.19
CA ILE A 282 -13.94 -11.01 -18.33
C ILE A 282 -14.01 -12.50 -18.01
N SER A 283 -13.64 -12.86 -16.78
CA SER A 283 -13.68 -14.25 -16.32
C SER A 283 -15.11 -14.81 -16.27
N ALA A 284 -16.07 -13.97 -15.91
CA ALA A 284 -17.47 -14.39 -15.86
C ALA A 284 -18.05 -14.61 -17.26
N PHE A 285 -17.61 -13.82 -18.23
CA PHE A 285 -17.96 -14.05 -19.64
C PHE A 285 -17.45 -15.41 -20.10
N CYS A 286 -16.19 -15.70 -19.78
CA CYS A 286 -15.58 -16.99 -20.13
C CYS A 286 -16.36 -18.16 -19.52
N ASP A 287 -16.77 -18.03 -18.26
N ASP A 287 -16.75 -18.03 -18.26
CA ASP A 287 -17.57 -19.04 -17.58
CA ASP A 287 -17.58 -19.03 -17.57
C ASP A 287 -18.95 -19.15 -18.22
C ASP A 287 -18.95 -19.15 -18.23
N ARG A 288 -19.56 -18.01 -18.52
CA ARG A 288 -20.86 -17.96 -19.21
C ARG A 288 -20.79 -18.59 -20.60
N HIS A 289 -19.65 -18.46 -21.27
CA HIS A 289 -19.47 -18.98 -22.62
C HIS A 289 -18.67 -20.27 -22.67
N GLY A 290 -18.52 -20.93 -21.52
CA GLY A 290 -18.03 -22.30 -21.47
C GLY A 290 -16.54 -22.51 -21.71
N VAL A 291 -15.72 -21.55 -21.28
CA VAL A 291 -14.27 -21.64 -21.45
C VAL A 291 -13.55 -21.25 -20.15
N ASP A 292 -12.42 -21.91 -19.88
CA ASP A 292 -11.64 -21.63 -18.67
C ASP A 292 -10.91 -20.30 -18.86
N TYR A 293 -11.16 -19.35 -17.97
CA TYR A 293 -10.54 -18.02 -18.07
C TYR A 293 -9.02 -18.09 -17.94
N LEU A 294 -8.55 -18.75 -16.89
CA LEU A 294 -7.12 -18.77 -16.57
C LEU A 294 -6.30 -19.62 -17.53
N THR A 295 -6.87 -20.72 -18.01
CA THR A 295 -6.12 -21.71 -18.79
C THR A 295 -6.66 -21.98 -20.21
N GLY A 296 -7.87 -21.53 -20.50
CA GLY A 296 -8.50 -21.80 -21.80
C GLY A 296 -8.14 -20.78 -22.87
N SER A 297 -8.62 -21.01 -24.09
CA SER A 297 -8.37 -20.13 -25.23
C SER A 297 -9.64 -19.40 -25.64
N TRP A 298 -9.63 -18.08 -25.52
CA TRP A 298 -10.83 -17.27 -25.79
C TRP A 298 -10.51 -15.94 -26.40
N TRP A 299 -11.53 -15.38 -27.06
CA TRP A 299 -11.42 -14.12 -27.79
C TRP A 299 -12.63 -13.29 -27.45
N PRO A 300 -12.43 -12.17 -26.73
CA PRO A 300 -13.62 -11.41 -26.33
C PRO A 300 -14.49 -10.91 -27.48
N ILE A 301 -15.80 -10.96 -27.28
CA ILE A 301 -16.74 -10.30 -28.19
C ILE A 301 -16.80 -8.85 -27.74
N LEU A 302 -16.42 -7.93 -28.63
CA LEU A 302 -16.25 -6.52 -28.26
C LEU A 302 -17.55 -5.86 -27.83
N ASP A 303 -18.66 -6.22 -28.47
CA ASP A 303 -19.98 -5.69 -28.10
C ASP A 303 -20.38 -6.09 -26.66
N ASP A 304 -20.03 -7.30 -26.25
CA ASP A 304 -20.27 -7.74 -24.88
C ASP A 304 -19.55 -6.83 -23.89
N LEU A 305 -18.28 -6.52 -24.20
CA LEU A 305 -17.46 -5.66 -23.34
C LEU A 305 -18.02 -4.25 -23.27
N TYR A 306 -18.41 -3.69 -24.41
CA TYR A 306 -19.00 -2.35 -24.46
C TYR A 306 -20.38 -2.34 -23.80
N ALA A 307 -21.12 -3.43 -23.94
CA ALA A 307 -22.43 -3.59 -23.27
C ALA A 307 -22.28 -3.65 -21.75
N SER A 308 -21.12 -4.12 -21.28
CA SER A 308 -20.81 -4.13 -19.85
C SER A 308 -20.02 -2.90 -19.38
N ASN A 309 -20.01 -1.85 -20.21
N ASN A 309 -19.99 -1.85 -20.21
CA ASN A 309 -19.29 -0.60 -19.91
CA ASN A 309 -19.30 -0.60 -19.91
C ASN A 309 -17.82 -0.80 -19.58
C ASN A 309 -17.82 -0.79 -19.59
N ILE A 310 -17.16 -1.68 -20.32
CA ILE A 310 -15.74 -1.98 -20.14
C ILE A 310 -14.94 -1.29 -21.24
N PRO A 311 -14.11 -0.29 -20.88
CA PRO A 311 -13.27 0.34 -21.90
C PRO A 311 -12.26 -0.63 -22.50
N VAL A 312 -12.10 -0.58 -23.82
CA VAL A 312 -11.15 -1.42 -24.52
C VAL A 312 -10.13 -0.56 -25.24
N TYR A 313 -8.87 -0.72 -24.87
CA TYR A 313 -7.77 -0.05 -25.57
C TYR A 313 -7.51 -0.79 -26.88
N ARG A 314 -7.36 -0.03 -27.96
CA ARG A 314 -7.05 -0.59 -29.27
C ARG A 314 -5.94 0.23 -29.92
N PHE A 315 -4.93 -0.46 -30.44
CA PHE A 315 -3.80 0.20 -31.09
C PHE A 315 -3.02 -0.76 -31.96
N VAL A 316 -2.21 -0.20 -32.85
CA VAL A 316 -1.36 -0.98 -33.75
C VAL A 316 0.08 -0.92 -33.24
N GLN A 317 0.75 -2.07 -33.26
CA GLN A 317 2.15 -2.16 -32.89
C GLN A 317 2.94 -2.35 -34.17
N ARG A 318 3.66 -1.30 -34.58
CA ARG A 318 4.40 -1.31 -35.83
C ARG A 318 5.82 -1.78 -35.56
N PRO A 319 6.57 -2.15 -36.62
CA PRO A 319 7.93 -2.65 -36.43
C PRO A 319 8.82 -1.68 -35.66
N GLY A 320 9.51 -2.20 -34.64
CA GLY A 320 10.38 -1.38 -33.80
C GLY A 320 9.70 -0.81 -32.57
N ASP A 321 8.37 -0.90 -32.51
CA ASP A 321 7.62 -0.44 -31.33
C ASP A 321 7.70 -1.48 -30.22
N LEU A 322 7.96 -1.01 -29.00
CA LEU A 322 7.89 -1.85 -27.81
C LEU A 322 6.56 -1.61 -27.13
N VAL A 323 5.84 -2.70 -26.85
CA VAL A 323 4.63 -2.64 -26.05
C VAL A 323 4.97 -3.08 -24.63
N TRP A 324 4.65 -2.22 -23.67
CA TRP A 324 4.78 -2.54 -22.25
C TRP A 324 3.40 -2.80 -21.71
N ILE A 325 3.18 -4.03 -21.22
CA ILE A 325 1.90 -4.41 -20.65
C ILE A 325 2.03 -4.35 -19.14
N ASN A 326 1.25 -3.48 -18.51
CA ASN A 326 1.32 -3.29 -17.07
C ASN A 326 0.71 -4.48 -16.33
N ALA A 327 0.91 -4.53 -15.02
CA ALA A 327 0.51 -5.68 -14.20
C ALA A 327 -0.99 -5.96 -14.24
N GLY A 328 -1.35 -7.18 -14.61
CA GLY A 328 -2.74 -7.64 -14.61
C GLY A 328 -3.59 -7.17 -15.76
N THR A 329 -2.98 -6.49 -16.74
CA THR A 329 -3.73 -6.01 -17.90
C THR A 329 -4.17 -7.19 -18.76
N VAL A 330 -5.47 -7.27 -19.01
CA VAL A 330 -6.03 -8.31 -19.88
C VAL A 330 -5.80 -7.86 -21.32
N HIS A 331 -5.30 -8.76 -22.17
CA HIS A 331 -4.97 -8.40 -23.55
C HIS A 331 -5.03 -9.55 -24.51
N TRP A 332 -5.37 -9.22 -25.76
CA TRP A 332 -5.36 -10.18 -26.87
C TRP A 332 -4.84 -9.51 -28.11
N VAL A 333 -4.21 -10.31 -28.98
CA VAL A 333 -3.41 -9.78 -30.09
C VAL A 333 -3.64 -10.56 -31.39
N GLN A 334 -3.61 -9.85 -32.51
CA GLN A 334 -3.64 -10.49 -33.83
C GLN A 334 -2.67 -9.80 -34.78
N ALA A 335 -1.89 -10.59 -35.51
CA ALA A 335 -1.00 -10.06 -36.53
C ALA A 335 -1.81 -9.59 -37.73
N THR A 336 -1.57 -8.35 -38.16
CA THR A 336 -2.22 -7.81 -39.36
C THR A 336 -1.41 -8.14 -40.60
N GLY A 337 -0.08 -8.17 -40.46
CA GLY A 337 0.81 -8.55 -41.54
C GLY A 337 1.70 -9.73 -41.16
N TRP A 338 2.75 -9.93 -41.93
CA TRP A 338 3.78 -10.91 -41.62
C TRP A 338 4.75 -10.27 -40.68
N CYS A 339 5.02 -10.91 -39.54
CA CYS A 339 5.94 -10.34 -38.57
C CYS A 339 6.43 -11.36 -37.55
N ASN A 340 7.54 -11.01 -36.89
CA ASN A 340 8.02 -11.72 -35.72
C ASN A 340 7.87 -10.83 -34.49
N ASN A 341 7.59 -11.43 -33.35
CA ASN A 341 7.58 -10.72 -32.08
C ASN A 341 8.47 -11.43 -31.07
N ILE A 342 9.18 -10.66 -30.25
CA ILE A 342 9.95 -11.21 -29.14
C ILE A 342 9.37 -10.68 -27.84
N ALA A 343 9.37 -11.52 -26.81
CA ALA A 343 8.73 -11.14 -25.54
C ALA A 343 9.32 -11.85 -24.32
N TRP A 344 9.10 -11.22 -23.18
CA TRP A 344 9.46 -11.78 -21.87
C TRP A 344 8.70 -11.03 -20.81
N ASN A 345 8.78 -11.52 -19.58
CA ASN A 345 8.11 -10.88 -18.47
C ASN A 345 9.06 -10.12 -17.56
N VAL A 346 8.52 -9.17 -16.82
N VAL A 346 8.51 -9.17 -16.83
CA VAL A 346 9.27 -8.43 -15.82
CA VAL A 346 9.25 -8.38 -15.84
C VAL A 346 8.39 -8.21 -14.61
C VAL A 346 8.37 -8.20 -14.61
N GLY A 347 8.99 -8.26 -13.43
CA GLY A 347 8.26 -8.05 -12.17
C GLY A 347 8.89 -6.91 -11.40
N PRO A 348 8.51 -5.66 -11.72
CA PRO A 348 9.09 -4.52 -11.01
C PRO A 348 8.82 -4.61 -9.51
N LEU A 349 9.82 -4.28 -8.71
CA LEU A 349 9.69 -4.31 -7.26
C LEU A 349 8.86 -3.12 -6.78
N THR A 350 7.54 -3.26 -6.89
CA THR A 350 6.60 -2.24 -6.44
C THR A 350 5.45 -2.91 -5.67
N ALA A 351 4.78 -2.13 -4.82
CA ALA A 351 3.64 -2.62 -4.06
C ALA A 351 2.50 -3.06 -4.98
N TYR A 352 2.33 -2.33 -6.08
CA TYR A 352 1.28 -2.62 -7.05
C TYR A 352 1.49 -3.98 -7.71
N GLN A 353 2.70 -4.22 -8.21
CA GLN A 353 3.04 -5.49 -8.86
C GLN A 353 2.99 -6.65 -7.87
N TYR A 354 3.59 -6.46 -6.70
CA TYR A 354 3.67 -7.51 -5.69
C TYR A 354 2.28 -7.95 -5.23
N GLN A 355 1.41 -6.98 -4.96
CA GLN A 355 0.03 -7.25 -4.55
C GLN A 355 -0.71 -8.07 -5.59
N LEU A 356 -0.66 -7.62 -6.84
CA LEU A 356 -1.34 -8.31 -7.94
C LEU A 356 -0.77 -9.72 -8.15
N ALA A 357 0.53 -9.88 -7.94
CA ALA A 357 1.19 -11.18 -8.10
C ALA A 357 0.80 -12.17 -7.01
N LEU A 358 0.71 -11.70 -5.77
CA LEU A 358 0.33 -12.56 -4.65
C LEU A 358 -1.13 -13.00 -4.71
N GLU A 359 -2.02 -12.10 -5.13
CA GLU A 359 -3.45 -12.43 -5.14
C GLU A 359 -3.81 -13.38 -6.29
N ARG A 360 -3.08 -13.31 -7.41
CA ARG A 360 -3.22 -14.31 -8.46
C ARG A 360 -2.57 -15.63 -8.02
N TYR A 361 -1.45 -15.54 -7.31
CA TYR A 361 -0.81 -16.70 -6.72
C TYR A 361 -1.80 -17.48 -5.85
N GLU A 362 -2.57 -16.77 -5.02
CA GLU A 362 -3.57 -17.39 -4.16
C GLU A 362 -4.79 -17.87 -4.95
N TRP A 363 -5.27 -17.03 -5.87
CA TRP A 363 -6.41 -17.38 -6.72
C TRP A 363 -6.12 -18.62 -7.53
N ASN A 364 -4.89 -18.71 -8.03
CA ASN A 364 -4.41 -19.92 -8.72
C ASN A 364 -4.61 -21.18 -7.87
N GLU A 365 -4.31 -21.07 -6.58
CA GLU A 365 -4.46 -22.18 -5.63
C GLU A 365 -5.92 -22.59 -5.47
N VAL A 366 -6.83 -21.62 -5.47
CA VAL A 366 -8.27 -21.89 -5.39
C VAL A 366 -8.78 -22.63 -6.63
N LYS A 367 -8.21 -22.31 -7.80
CA LYS A 367 -8.65 -22.90 -9.07
C LYS A 367 -7.79 -24.09 -9.51
N ASN A 368 -6.89 -24.55 -8.64
CA ASN A 368 -5.98 -25.67 -8.94
C ASN A 368 -5.16 -25.44 -10.23
N VAL A 369 -4.58 -24.25 -10.34
CA VAL A 369 -3.73 -23.88 -11.47
C VAL A 369 -2.34 -23.54 -10.97
N LYS A 370 -1.31 -24.12 -11.60
CA LYS A 370 0.07 -23.91 -11.21
C LYS A 370 0.49 -22.45 -11.36
N SER A 371 0.99 -21.86 -10.28
CA SER A 371 1.65 -20.57 -10.34
C SER A 371 3.07 -20.79 -10.88
N ILE A 372 3.32 -20.31 -12.09
CA ILE A 372 4.61 -20.49 -12.75
C ILE A 372 5.73 -19.73 -12.02
N VAL A 373 5.37 -18.64 -11.34
CA VAL A 373 6.31 -17.93 -10.49
C VAL A 373 6.12 -18.37 -9.04
N PRO A 374 7.13 -19.05 -8.46
CA PRO A 374 7.05 -19.50 -7.07
C PRO A 374 7.20 -18.32 -6.10
N MET A 375 6.08 -17.67 -5.78
CA MET A 375 6.11 -16.38 -5.09
C MET A 375 6.68 -16.41 -3.67
N ILE A 376 6.57 -17.54 -2.98
CA ILE A 376 7.14 -17.66 -1.63
C ILE A 376 8.65 -17.71 -1.73
N HIS A 377 9.15 -18.59 -2.60
CA HIS A 377 10.57 -18.68 -2.91
C HIS A 377 11.15 -17.35 -3.33
N VAL A 378 10.43 -16.64 -4.21
CA VAL A 378 10.89 -15.35 -4.71
C VAL A 378 10.95 -14.28 -3.61
N SER A 379 9.93 -14.26 -2.76
CA SER A 379 9.86 -13.27 -1.67
C SER A 379 11.03 -13.38 -0.69
N TRP A 380 11.45 -14.61 -0.41
CA TRP A 380 12.60 -14.86 0.47
C TRP A 380 13.90 -14.41 -0.15
N ASN A 381 14.12 -14.78 -1.41
CA ASN A 381 15.30 -14.34 -2.15
C ASN A 381 15.38 -12.82 -2.23
N VAL A 382 14.26 -12.18 -2.56
CA VAL A 382 14.19 -10.73 -2.60
C VAL A 382 14.57 -10.13 -1.25
N ALA A 383 13.99 -10.67 -0.19
CA ALA A 383 14.25 -10.21 1.17
C ALA A 383 15.71 -10.38 1.58
N ARG A 384 16.35 -11.43 1.10
CA ARG A 384 17.75 -11.73 1.46
C ARG A 384 18.77 -10.76 0.85
N THR A 385 18.48 -10.22 -0.33
CA THR A 385 19.48 -9.44 -1.08
C THR A 385 19.09 -8.01 -1.47
N VAL A 386 17.80 -7.69 -1.50
CA VAL A 386 17.32 -6.41 -2.01
C VAL A 386 16.82 -5.50 -0.90
N LYS A 387 17.28 -4.25 -0.89
CA LYS A 387 16.81 -3.26 0.08
C LYS A 387 15.55 -2.56 -0.43
N ILE A 388 14.46 -2.70 0.31
CA ILE A 388 13.17 -2.12 -0.07
C ILE A 388 12.93 -0.83 0.70
N SER A 389 12.77 0.27 -0.04
CA SER A 389 12.55 1.60 0.56
C SER A 389 11.08 1.96 0.70
N ASP A 390 10.23 1.37 -0.14
CA ASP A 390 8.78 1.62 -0.09
C ASP A 390 8.16 0.93 1.13
N PRO A 391 7.49 1.70 2.01
CA PRO A 391 6.84 1.10 3.18
C PRO A 391 5.75 0.08 2.82
N ASP A 392 4.90 0.43 1.84
CA ASP A 392 3.79 -0.44 1.43
C ASP A 392 4.28 -1.78 0.93
N LEU A 393 5.29 -1.77 0.05
CA LEU A 393 5.86 -3.00 -0.48
C LEU A 393 6.53 -3.81 0.64
N PHE A 394 7.26 -3.13 1.51
CA PHE A 394 7.92 -3.77 2.64
C PHE A 394 6.93 -4.52 3.54
N LYS A 395 5.84 -3.85 3.88
CA LYS A 395 4.78 -4.46 4.69
C LYS A 395 4.27 -5.76 4.08
N MET A 396 4.03 -5.74 2.76
CA MET A 396 3.50 -6.90 2.04
C MET A 396 4.47 -8.08 2.05
N ILE A 397 5.74 -7.81 1.77
CA ILE A 397 6.76 -8.87 1.76
C ILE A 397 6.99 -9.39 3.18
N LYS A 398 7.10 -8.47 4.14
CA LYS A 398 7.31 -8.83 5.54
C LYS A 398 6.21 -9.75 6.07
N PHE A 399 4.97 -9.45 5.69
CA PHE A 399 3.82 -10.26 6.06
C PHE A 399 3.88 -11.64 5.42
N CYS A 400 4.14 -11.67 4.11
CA CYS A 400 4.25 -12.93 3.37
C CYS A 400 5.30 -13.86 3.99
N LEU A 401 6.45 -13.29 4.34
CA LEU A 401 7.53 -14.04 4.99
C LEU A 401 7.12 -14.59 6.36
N LEU A 402 6.44 -13.77 7.15
CA LEU A 402 5.98 -14.20 8.48
C LEU A 402 4.99 -15.35 8.38
N GLN A 403 4.04 -15.24 7.46
CA GLN A 403 3.06 -16.30 7.20
C GLN A 403 3.76 -17.60 6.80
N SER A 404 4.78 -17.49 5.96
CA SER A 404 5.55 -18.66 5.51
C SER A 404 6.29 -19.34 6.66
N MET A 405 6.87 -18.54 7.56
CA MET A 405 7.55 -19.07 8.75
C MET A 405 6.56 -19.84 9.64
N LYS A 406 5.40 -19.23 9.87
CA LYS A 406 4.35 -19.86 10.69
C LYS A 406 3.85 -21.16 10.05
N HIS A 407 3.73 -21.16 8.73
CA HIS A 407 3.28 -22.34 7.99
C HIS A 407 4.25 -23.47 8.12
N CYS A 408 5.54 -23.17 7.92
CA CYS A 408 6.60 -24.16 8.11
C CYS A 408 6.64 -24.71 9.54
N GLN A 409 6.46 -23.82 10.51
N GLN A 409 6.46 -23.83 10.52
CA GLN A 409 6.46 -24.21 11.93
CA GLN A 409 6.49 -24.23 11.92
C GLN A 409 5.34 -25.18 12.26
C GLN A 409 5.33 -25.18 12.28
N VAL A 410 4.14 -24.91 11.74
CA VAL A 410 2.98 -25.78 11.94
C VAL A 410 3.22 -27.19 11.39
N GLN A 411 3.84 -27.26 10.21
CA GLN A 411 4.19 -28.53 9.59
C GLN A 411 5.19 -29.34 10.43
N ARG A 412 6.21 -28.66 10.94
CA ARG A 412 7.25 -29.33 11.74
C ARG A 412 6.68 -29.89 13.03
N GLU A 413 5.87 -29.09 13.72
CA GLU A 413 5.25 -29.50 14.98
C GLU A 413 4.34 -30.71 14.81
N SER A 414 3.54 -30.73 13.74
CA SER A 414 2.66 -31.86 13.45
CA SER A 414 2.65 -31.86 13.44
C SER A 414 3.45 -33.11 13.11
N LEU A 415 4.53 -32.94 12.35
CA LEU A 415 5.41 -34.06 11.99
C LEU A 415 6.08 -34.65 13.23
N VAL A 416 6.55 -33.78 14.12
CA VAL A 416 7.21 -34.21 15.37
C VAL A 416 6.22 -34.88 16.33
N ARG A 417 4.98 -34.39 16.37
CA ARG A 417 3.93 -35.05 17.16
C ARG A 417 3.65 -36.47 16.65
N ALA A 418 3.62 -36.64 15.34
CA ALA A 418 3.36 -37.94 14.73
C ALA A 418 4.55 -38.90 14.82
N GLY A 419 5.70 -38.41 15.29
CA GLY A 419 6.90 -39.22 15.42
C GLY A 419 7.62 -39.42 14.10
N LYS A 420 7.34 -38.54 13.14
CA LYS A 420 7.94 -38.62 11.81
C LYS A 420 9.23 -37.83 11.75
N LYS A 421 10.26 -38.43 11.17
CA LYS A 421 11.58 -37.82 11.06
C LYS A 421 11.61 -36.72 9.99
N ILE A 422 12.44 -35.71 10.21
CA ILE A 422 12.71 -34.68 9.21
C ILE A 422 14.23 -34.56 9.01
N ALA A 423 14.69 -34.87 7.80
CA ALA A 423 16.11 -34.75 7.47
C ALA A 423 16.39 -33.37 6.89
N TYR A 424 17.54 -32.79 7.26
CA TYR A 424 17.96 -31.53 6.67
C TYR A 424 18.60 -31.78 5.30
N GLN A 425 17.99 -31.24 4.26
CA GLN A 425 18.48 -31.40 2.89
C GLN A 425 19.46 -30.30 2.53
N GLY A 426 19.07 -29.05 2.82
CA GLY A 426 19.85 -27.88 2.43
C GLY A 426 19.56 -27.49 0.99
N ARG A 427 20.03 -26.31 0.59
CA ARG A 427 19.88 -25.83 -0.78
C ARG A 427 21.21 -25.93 -1.52
N VAL A 428 21.13 -26.12 -2.84
CA VAL A 428 22.30 -26.10 -3.71
C VAL A 428 22.14 -25.02 -4.78
N LYS A 429 23.25 -24.65 -5.41
CA LYS A 429 23.24 -23.59 -6.43
C LYS A 429 22.41 -24.01 -7.64
N ASP A 430 21.61 -23.07 -8.15
CA ASP A 430 20.76 -23.27 -9.34
C ASP A 430 19.65 -24.32 -9.11
N GLU A 431 19.30 -24.58 -7.85
CA GLU A 431 18.25 -25.55 -7.54
C GLU A 431 16.88 -24.94 -7.79
N PRO A 432 15.98 -25.68 -8.45
CA PRO A 432 14.65 -25.11 -8.74
C PRO A 432 13.76 -25.07 -7.51
N ALA A 433 12.69 -24.29 -7.58
CA ALA A 433 11.64 -24.32 -6.57
C ALA A 433 10.79 -25.55 -6.84
N TYR A 434 10.23 -26.14 -5.80
CA TYR A 434 9.49 -27.38 -5.94
C TYR A 434 7.97 -27.16 -5.91
N TYR A 435 7.27 -28.01 -6.66
CA TYR A 435 5.82 -27.98 -6.75
C TYR A 435 5.26 -29.37 -6.49
N CYS A 436 4.02 -29.44 -6.02
CA CYS A 436 3.38 -30.72 -5.71
C CYS A 436 3.08 -31.51 -6.99
N ASN A 437 3.42 -32.79 -6.99
CA ASN A 437 3.17 -33.68 -8.12
C ASN A 437 1.68 -33.82 -8.45
N GLU A 438 0.82 -33.72 -7.43
CA GLU A 438 -0.61 -33.93 -7.60
C GLU A 438 -1.37 -32.64 -7.90
N CYS A 439 -1.25 -31.66 -6.99
CA CYS A 439 -2.06 -30.44 -7.07
C CYS A 439 -1.32 -29.23 -7.63
N ASP A 440 -0.03 -29.37 -7.92
CA ASP A 440 0.79 -28.32 -8.55
C ASP A 440 1.04 -27.07 -7.68
N VAL A 441 0.72 -27.12 -6.38
CA VAL A 441 0.96 -25.99 -5.50
C VAL A 441 2.46 -25.89 -5.22
N GLU A 442 2.94 -24.69 -4.92
CA GLU A 442 4.33 -24.49 -4.52
C GLU A 442 4.56 -25.18 -3.19
N VAL A 443 5.61 -26.00 -3.11
CA VAL A 443 6.00 -26.65 -1.87
C VAL A 443 7.29 -26.02 -1.37
N PHE A 444 7.18 -25.10 -0.41
CA PHE A 444 8.33 -24.35 0.09
C PHE A 444 8.92 -24.97 1.36
N ASN A 445 10.24 -25.11 1.36
CA ASN A 445 11.02 -25.57 2.52
C ASN A 445 10.80 -27.03 2.90
N ILE A 446 9.63 -27.35 3.45
CA ILE A 446 9.35 -28.71 3.90
C ILE A 446 8.87 -29.55 2.72
N LEU A 447 9.68 -30.51 2.30
CA LEU A 447 9.38 -31.33 1.13
C LEU A 447 9.00 -32.74 1.55
N PHE A 448 7.84 -33.20 1.08
CA PHE A 448 7.39 -34.57 1.28
C PHE A 448 7.74 -35.35 0.02
N VAL A 449 8.79 -36.18 0.10
CA VAL A 449 9.37 -36.80 -1.09
C VAL A 449 9.15 -38.31 -1.12
N THR A 450 8.89 -38.83 -2.32
CA THR A 450 8.72 -40.27 -2.55
C THR A 450 9.53 -40.72 -3.76
N SER A 451 9.79 -42.02 -3.86
CA SER A 451 10.45 -42.61 -5.02
C SER A 451 9.46 -43.40 -5.85
N GLU A 452 9.19 -42.93 -7.07
CA GLU A 452 8.27 -43.60 -7.98
C GLU A 452 8.89 -44.89 -8.52
N ASN A 453 10.09 -44.76 -9.08
CA ASN A 453 10.82 -45.92 -9.61
C ASN A 453 11.47 -46.74 -8.51
N GLY A 454 11.89 -47.95 -8.85
CA GLY A 454 12.59 -48.84 -7.91
C GLY A 454 13.95 -48.28 -7.50
N SER A 455 14.64 -47.65 -8.46
CA SER A 455 15.91 -46.98 -8.20
C SER A 455 15.66 -45.57 -7.65
N ARG A 456 16.74 -44.88 -7.30
CA ARG A 456 16.65 -43.53 -6.74
C ARG A 456 16.76 -42.43 -7.81
N ASN A 457 16.42 -42.77 -9.05
CA ASN A 457 16.48 -41.81 -10.16
C ASN A 457 15.30 -40.84 -10.11
N THR A 458 14.09 -41.38 -10.04
CA THR A 458 12.87 -40.58 -10.06
C THR A 458 12.39 -40.24 -8.65
N TYR A 459 12.52 -38.96 -8.27
CA TYR A 459 11.99 -38.46 -7.00
C TYR A 459 10.82 -37.53 -7.28
N LEU A 460 9.71 -37.74 -6.55
CA LEU A 460 8.52 -36.89 -6.68
C LEU A 460 8.30 -36.09 -5.40
N VAL A 461 8.12 -34.78 -5.53
CA VAL A 461 7.83 -33.92 -4.40
C VAL A 461 6.32 -33.72 -4.27
N HIS A 462 5.81 -33.84 -3.04
CA HIS A 462 4.39 -33.65 -2.76
C HIS A 462 4.21 -32.59 -1.70
N CYS A 463 3.02 -32.02 -1.62
CA CYS A 463 2.66 -31.12 -0.53
C CYS A 463 2.16 -31.94 0.66
N GLU A 464 2.03 -31.30 1.82
CA GLU A 464 1.60 -31.97 3.05
C GLU A 464 0.29 -32.72 2.87
N GLY A 465 -0.72 -32.02 2.33
CA GLY A 465 -2.05 -32.59 2.14
C GLY A 465 -2.05 -33.82 1.24
N CYS A 466 -1.40 -33.70 0.08
CA CYS A 466 -1.33 -34.80 -0.88
C CYS A 466 -0.49 -35.97 -0.36
N ALA A 467 0.56 -35.67 0.40
CA ALA A 467 1.37 -36.70 1.05
C ALA A 467 0.54 -37.49 2.06
N ARG A 468 -0.22 -36.77 2.89
CA ARG A 468 -1.14 -37.39 3.85
C ARG A 468 -2.24 -38.20 3.15
N ARG A 469 -2.68 -37.73 1.98
CA ARG A 469 -3.76 -38.37 1.23
C ARG A 469 -3.40 -39.74 0.64
N ARG A 470 -2.11 -40.06 0.55
N ARG A 470 -2.10 -40.06 0.56
CA ARG A 470 -1.64 -41.36 0.05
CA ARG A 470 -1.64 -41.36 0.07
C ARG A 470 -2.25 -42.50 0.85
C ARG A 470 -2.25 -42.50 0.86
N SER A 471 -2.42 -43.66 0.20
CA SER A 471 -3.06 -44.82 0.82
C SER A 471 -2.32 -45.34 2.07
N ALA A 472 -1.00 -45.25 2.06
CA ALA A 472 -0.17 -45.66 3.20
C ALA A 472 0.26 -44.47 4.07
N GLY A 473 -0.37 -43.31 3.88
CA GLY A 473 -0.03 -42.11 4.64
C GLY A 473 1.38 -41.64 4.35
N LEU A 474 2.16 -41.40 5.40
CA LEU A 474 3.55 -40.95 5.26
C LEU A 474 4.56 -42.11 5.24
N GLN A 475 4.07 -43.34 5.25
CA GLN A 475 4.96 -44.50 5.13
C GLN A 475 5.54 -44.54 3.71
N GLY A 476 6.87 -44.60 3.64
CA GLY A 476 7.57 -44.54 2.35
C GLY A 476 7.94 -43.12 1.94
N VAL A 477 7.33 -42.12 2.59
CA VAL A 477 7.59 -40.72 2.31
C VAL A 477 8.72 -40.22 3.21
N VAL A 478 9.77 -39.67 2.60
CA VAL A 478 10.84 -39.04 3.35
C VAL A 478 10.61 -37.53 3.36
N VAL A 479 10.60 -36.96 4.56
CA VAL A 479 10.36 -35.53 4.72
C VAL A 479 11.70 -34.79 4.83
N LEU A 480 11.88 -33.79 3.96
CA LEU A 480 13.12 -33.01 3.91
C LEU A 480 12.87 -31.58 4.33
N GLU A 481 13.90 -30.95 4.91
CA GLU A 481 13.86 -29.54 5.29
C GLU A 481 15.01 -28.81 4.62
N GLN A 482 14.69 -27.82 3.79
CA GLN A 482 15.70 -27.07 3.04
C GLN A 482 16.22 -25.84 3.80
N TYR A 483 15.38 -25.25 4.64
CA TYR A 483 15.77 -24.13 5.49
C TYR A 483 15.37 -24.41 6.93
N ARG A 484 16.34 -24.39 7.85
CA ARG A 484 16.03 -24.50 9.28
C ARG A 484 15.31 -23.25 9.75
N THR A 485 14.56 -23.37 10.85
CA THR A 485 13.87 -22.25 11.46
C THR A 485 14.78 -21.03 11.63
N GLU A 486 16.01 -21.29 12.06
CA GLU A 486 16.99 -20.23 12.30
C GLU A 486 17.42 -19.52 11.02
N GLU A 487 17.51 -20.26 9.91
CA GLU A 487 17.85 -19.66 8.62
C GLU A 487 16.78 -18.64 8.22
N LEU A 488 15.52 -19.05 8.30
CA LEU A 488 14.40 -18.17 7.96
C LEU A 488 14.28 -16.99 8.94
N ALA A 489 14.44 -17.27 10.24
CA ALA A 489 14.32 -16.24 11.27
C ALA A 489 15.40 -15.16 11.12
N GLN A 490 16.63 -15.60 10.83
CA GLN A 490 17.74 -14.66 10.66
C GLN A 490 17.64 -13.85 9.37
N ALA A 491 17.17 -14.47 8.29
CA ALA A 491 16.88 -13.75 7.05
C ALA A 491 15.74 -12.76 7.29
N TYR A 492 14.71 -13.20 8.00
CA TYR A 492 13.54 -12.38 8.31
C TYR A 492 13.91 -11.13 9.12
N ASP A 493 14.64 -11.32 10.20
CA ASP A 493 15.06 -10.21 11.06
C ASP A 493 15.98 -9.24 10.35
N ALA A 494 16.80 -9.75 9.43
CA ALA A 494 17.70 -8.91 8.62
C ALA A 494 16.93 -8.04 7.63
N PHE A 495 15.76 -8.51 7.21
CA PHE A 495 14.92 -7.78 6.27
C PHE A 495 14.25 -6.58 6.94
N THR A 496 14.78 -5.38 6.67
CA THR A 496 14.28 -4.14 7.26
C THR A 496 14.08 -3.06 6.21
N LEU A 497 13.16 -2.13 6.49
CA LEU A 497 12.81 -1.05 5.57
C LEU A 497 13.98 -0.08 5.35
N ALA A 498 14.39 0.09 4.09
CA ALA A 498 15.50 0.96 3.73
C ALA A 498 15.14 2.43 3.91
N PRO A 499 16.13 3.28 4.26
CA PRO A 499 15.87 4.71 4.45
C PRO A 499 15.86 5.47 3.13
N LYS B 41 -2.65 22.38 49.21
CA LYS B 41 -1.44 21.67 48.72
C LYS B 41 -1.01 22.20 47.34
N LEU B 42 0.11 21.70 46.84
CA LEU B 42 0.62 22.10 45.54
C LEU B 42 -0.18 21.47 44.39
N ASN B 43 -0.78 20.31 44.66
CA ASN B 43 -1.57 19.59 43.66
C ASN B 43 -3.06 19.59 44.03
N PRO B 44 -3.92 20.14 43.15
CA PRO B 44 -5.35 20.09 43.42
C PRO B 44 -5.90 18.68 43.20
N PRO B 45 -7.08 18.38 43.75
CA PRO B 45 -7.62 17.02 43.61
C PRO B 45 -7.97 16.69 42.16
N THR B 46 -7.57 15.50 41.72
CA THR B 46 -7.84 15.06 40.35
C THR B 46 -9.33 14.76 40.18
N PRO B 47 -9.99 15.36 39.17
CA PRO B 47 -11.38 15.02 38.92
C PRO B 47 -11.55 13.56 38.50
N SER B 48 -12.19 12.78 39.37
CA SER B 48 -12.34 11.35 39.14
C SER B 48 -13.79 10.92 39.31
N ILE B 49 -14.19 9.88 38.58
CA ILE B 49 -15.54 9.35 38.67
C ILE B 49 -15.55 7.84 38.41
N TYR B 50 -16.55 7.17 38.98
CA TYR B 50 -16.77 5.74 38.74
C TYR B 50 -18.16 5.56 38.15
N LEU B 51 -18.25 4.82 37.05
CA LEU B 51 -19.52 4.50 36.43
C LEU B 51 -20.13 3.30 37.15
N GLU B 52 -21.23 3.54 37.87
CA GLU B 52 -21.89 2.50 38.66
C GLU B 52 -22.52 1.44 37.75
N SER B 53 -23.00 1.86 36.58
CA SER B 53 -23.52 0.94 35.58
C SER B 53 -23.32 1.52 34.18
N LYS B 54 -23.65 0.71 33.17
CA LYS B 54 -23.59 1.15 31.77
C LYS B 54 -24.54 2.32 31.51
N ARG B 55 -25.63 2.38 32.27
CA ARG B 55 -26.59 3.48 32.19
C ARG B 55 -25.93 4.84 32.46
N ASP B 56 -25.05 4.88 33.46
CA ASP B 56 -24.37 6.11 33.85
C ASP B 56 -23.35 6.60 32.82
N ALA B 57 -22.77 5.67 32.06
CA ALA B 57 -21.78 6.02 31.04
C ALA B 57 -22.42 6.82 29.89
N PHE B 58 -23.69 6.56 29.61
CA PHE B 58 -24.41 7.24 28.53
C PHE B 58 -25.28 8.40 29.05
N SER B 59 -25.06 8.81 30.30
CA SER B 59 -25.80 9.91 30.90
C SER B 59 -25.26 11.26 30.41
N PRO B 60 -26.15 12.26 30.25
CA PRO B 60 -25.70 13.62 29.93
C PRO B 60 -24.79 14.24 30.99
N VAL B 61 -24.92 13.80 32.24
CA VAL B 61 -24.10 14.29 33.34
C VAL B 61 -22.61 13.99 33.12
N LEU B 62 -22.31 12.82 32.58
CA LEU B 62 -20.92 12.42 32.31
C LEU B 62 -20.28 13.34 31.26
N LEU B 63 -21.03 13.61 30.19
CA LEU B 63 -20.56 14.49 29.12
C LEU B 63 -20.23 15.88 29.64
N GLN B 64 -21.16 16.48 30.39
CA GLN B 64 -20.98 17.85 30.87
C GLN B 64 -19.89 17.95 31.94
N PHE B 65 -19.61 16.84 32.63
CA PHE B 65 -18.51 16.78 33.59
C PHE B 65 -17.17 16.78 32.87
N CYS B 66 -17.04 15.90 31.88
CA CYS B 66 -15.80 15.75 31.11
C CYS B 66 -15.47 16.99 30.26
N THR B 67 -16.50 17.67 29.78
CA THR B 67 -16.33 18.85 28.93
C THR B 67 -16.33 20.18 29.71
N ASP B 68 -16.63 20.11 31.01
CA ASP B 68 -16.61 21.30 31.86
C ASP B 68 -15.22 21.95 31.85
N PRO B 69 -15.13 23.24 31.47
CA PRO B 69 -13.86 23.97 31.49
C PRO B 69 -13.13 23.93 32.83
N ARG B 70 -13.87 23.83 33.93
CA ARG B 70 -13.27 23.70 35.27
C ARG B 70 -12.59 22.35 35.51
N ASN B 71 -12.94 21.36 34.70
CA ASN B 71 -12.27 20.05 34.72
C ASN B 71 -11.31 19.94 33.53
N PRO B 72 -10.02 20.27 33.74
CA PRO B 72 -9.06 20.16 32.65
C PRO B 72 -8.75 18.70 32.29
N ILE B 73 -8.90 17.80 33.26
CA ILE B 73 -8.66 16.39 33.03
C ILE B 73 -9.61 15.57 33.90
N THR B 74 -10.13 14.48 33.35
CA THR B 74 -11.04 13.59 34.08
C THR B 74 -10.55 12.15 33.95
N VAL B 75 -10.40 11.48 35.09
CA VAL B 75 -10.03 10.07 35.10
C VAL B 75 -11.24 9.23 35.50
N ILE B 76 -11.68 8.37 34.58
CA ILE B 76 -12.79 7.48 34.84
C ILE B 76 -12.26 6.15 35.37
N ARG B 77 -12.37 5.97 36.68
CA ARG B 77 -11.81 4.80 37.36
C ARG B 77 -12.58 3.54 37.01
N GLY B 78 -11.86 2.51 36.56
CA GLY B 78 -12.48 1.23 36.24
C GLY B 78 -13.51 1.28 35.11
N LEU B 79 -13.25 2.13 34.11
CA LEU B 79 -14.16 2.28 32.98
C LEU B 79 -14.30 0.99 32.18
N ALA B 80 -13.17 0.33 31.94
CA ALA B 80 -13.14 -0.92 31.18
C ALA B 80 -14.09 -1.95 31.77
N GLY B 81 -14.05 -2.11 33.09
CA GLY B 81 -14.96 -3.00 33.81
C GLY B 81 -16.42 -2.58 33.74
N SER B 82 -16.67 -1.29 33.95
CA SER B 82 -18.04 -0.76 33.97
C SER B 82 -18.75 -0.88 32.62
N LEU B 83 -17.98 -0.82 31.53
CA LEU B 83 -18.54 -0.98 30.18
C LEU B 83 -18.20 -2.34 29.56
N ARG B 84 -17.52 -3.19 30.33
CA ARG B 84 -17.14 -4.54 29.89
C ARG B 84 -16.30 -4.52 28.62
N LEU B 85 -15.26 -3.68 28.62
CA LEU B 85 -14.31 -3.60 27.51
C LEU B 85 -13.29 -4.71 27.65
N ASN B 86 -13.14 -5.50 26.59
CA ASN B 86 -12.14 -6.57 26.55
C ASN B 86 -10.75 -6.00 26.24
N LEU B 87 -10.06 -5.54 27.29
CA LEU B 87 -8.73 -4.96 27.13
C LEU B 87 -7.66 -6.01 26.79
N GLY B 88 -8.01 -7.29 26.96
CA GLY B 88 -7.14 -8.38 26.52
C GLY B 88 -6.79 -8.32 25.04
N LEU B 89 -7.71 -7.79 24.23
CA LEU B 89 -7.48 -7.63 22.79
C LEU B 89 -6.35 -6.65 22.46
N PHE B 90 -6.00 -5.79 23.42
CA PHE B 90 -4.89 -4.85 23.27
C PHE B 90 -3.65 -5.27 24.06
N SER B 91 -3.64 -6.51 24.55
CA SER B 91 -2.48 -7.04 25.26
C SER B 91 -1.35 -7.30 24.27
N THR B 92 -0.11 -7.20 24.75
CA THR B 92 1.06 -7.42 23.91
C THR B 92 1.01 -8.78 23.20
N LYS B 93 0.58 -9.81 23.94
CA LYS B 93 0.41 -11.15 23.38
C LYS B 93 -0.54 -11.14 22.17
N THR B 94 -1.68 -10.47 22.32
CA THR B 94 -2.67 -10.36 21.24
C THR B 94 -2.13 -9.56 20.05
N LEU B 95 -1.39 -8.49 20.33
CA LEU B 95 -0.82 -7.64 19.28
C LEU B 95 0.20 -8.38 18.43
N VAL B 96 1.01 -9.22 19.07
CA VAL B 96 2.02 -10.01 18.37
C VAL B 96 1.38 -11.05 17.47
N GLU B 97 0.38 -11.77 18.01
CA GLU B 97 -0.37 -12.76 17.22
C GLU B 97 -1.07 -12.13 16.02
N ALA B 98 -1.74 -11.01 16.26
CA ALA B 98 -2.52 -10.34 15.22
C ALA B 98 -1.64 -9.65 14.18
N SER B 99 -0.61 -8.95 14.64
CA SER B 99 0.25 -8.18 13.75
C SER B 99 1.68 -8.08 14.28
N GLY B 100 2.39 -9.21 14.25
CA GLY B 100 3.77 -9.26 14.74
C GLY B 100 4.74 -8.44 13.92
N GLU B 101 4.47 -8.33 12.61
CA GLU B 101 5.35 -7.61 11.68
C GLU B 101 5.12 -6.09 11.63
N HIS B 102 4.10 -5.61 12.34
CA HIS B 102 3.72 -4.19 12.30
C HIS B 102 4.84 -3.31 12.79
N THR B 103 4.97 -2.12 12.20
CA THR B 103 6.06 -1.20 12.54
C THR B 103 5.83 -0.51 13.89
N VAL B 104 6.91 -0.35 14.64
CA VAL B 104 6.88 0.36 15.91
C VAL B 104 7.98 1.42 15.94
N GLU B 105 7.60 2.67 16.13
CA GLU B 105 8.56 3.77 16.22
C GLU B 105 9.16 3.80 17.62
N VAL B 106 10.38 3.29 17.75
CA VAL B 106 11.04 3.19 19.06
C VAL B 106 11.69 4.51 19.44
N ARG B 107 11.50 4.92 20.69
CA ARG B 107 12.15 6.10 21.24
C ARG B 107 13.09 5.67 22.36
N THR B 108 14.39 5.94 22.17
CA THR B 108 15.41 5.57 23.16
C THR B 108 15.59 6.71 24.15
N GLN B 109 15.52 6.37 25.44
CA GLN B 109 15.55 7.36 26.51
C GLN B 109 16.41 6.91 27.68
N VAL B 110 16.90 7.87 28.44
CA VAL B 110 17.55 7.59 29.71
C VAL B 110 16.46 7.50 30.77
N GLN B 111 16.47 6.40 31.54
CA GLN B 111 15.45 6.19 32.57
C GLN B 111 15.66 7.17 33.73
N GLN B 112 14.63 7.94 34.04
CA GLN B 112 14.68 8.95 35.10
C GLN B 112 13.39 8.93 35.92
N PRO B 113 13.47 9.23 37.23
CA PRO B 113 12.25 9.43 38.01
C PRO B 113 11.33 10.49 37.41
N SER B 114 10.03 10.39 37.68
CA SER B 114 9.02 11.21 37.01
C SER B 114 9.13 12.71 37.31
N ASP B 115 9.72 13.07 38.44
CA ASP B 115 9.90 14.48 38.81
C ASP B 115 11.33 14.97 38.57
N GLU B 116 12.06 14.29 37.68
CA GLU B 116 13.45 14.63 37.38
C GLU B 116 13.73 14.63 35.87
N ASN B 117 14.54 15.60 35.43
CA ASN B 117 15.06 15.63 34.07
C ASN B 117 16.44 16.29 34.09
N TRP B 118 17.48 15.45 34.07
CA TRP B 118 18.84 15.92 34.33
C TRP B 118 19.54 16.40 33.10
N ASP B 119 20.49 17.32 33.30
CA ASP B 119 21.42 17.72 32.25
C ASP B 119 22.48 16.63 32.09
N LEU B 120 23.30 16.73 31.05
CA LEU B 120 24.31 15.71 30.75
C LEU B 120 25.33 15.51 31.89
N THR B 121 25.61 16.57 32.63
CA THR B 121 26.50 16.50 33.80
C THR B 121 25.81 15.80 34.97
N GLY B 122 24.49 15.93 35.05
CA GLY B 122 23.71 15.35 36.15
C GLY B 122 23.76 16.20 37.40
N THR B 123 23.87 17.52 37.20
CA THR B 123 24.03 18.46 38.31
C THR B 123 22.74 19.25 38.62
N ARG B 124 21.89 19.46 37.61
CA ARG B 124 20.67 20.23 37.79
C ARG B 124 19.55 19.80 36.83
N GLN B 125 18.36 20.35 37.05
CA GLN B 125 17.18 20.05 36.25
C GLN B 125 17.15 20.91 34.98
N ILE B 126 16.64 20.35 33.89
CA ILE B 126 16.45 21.09 32.64
C ILE B 126 15.11 20.74 31.99
N TRP B 127 14.63 21.63 31.12
CA TRP B 127 13.35 21.41 30.41
C TRP B 127 13.45 20.50 29.21
N PRO B 128 14.44 20.72 28.33
CA PRO B 128 14.53 19.86 27.13
C PRO B 128 14.66 18.37 27.48
N CYS B 129 13.89 17.53 26.78
CA CYS B 129 13.85 16.09 27.04
C CYS B 129 13.96 15.34 25.72
N GLU B 130 15.17 15.27 25.17
CA GLU B 130 15.40 14.72 23.84
C GLU B 130 15.53 13.20 23.84
N SER B 131 15.42 12.60 22.66
CA SER B 131 15.47 11.15 22.50
C SER B 131 15.77 10.74 21.06
N SER B 132 16.38 9.58 20.90
CA SER B 132 16.74 9.05 19.57
C SER B 132 15.57 8.28 18.97
N ARG B 133 15.42 8.39 17.64
CA ARG B 133 14.31 7.76 16.92
C ARG B 133 14.79 6.59 16.08
N SER B 134 14.26 5.40 16.36
CA SER B 134 14.54 4.20 15.57
C SER B 134 13.24 3.43 15.29
N HIS B 135 13.34 2.36 14.51
CA HIS B 135 12.16 1.58 14.12
C HIS B 135 12.38 0.10 14.28
N THR B 136 11.30 -0.61 14.62
CA THR B 136 11.35 -2.06 14.79
C THR B 136 9.96 -2.67 14.59
N THR B 137 9.81 -3.94 14.96
CA THR B 137 8.53 -4.65 14.83
C THR B 137 7.86 -4.82 16.19
N ILE B 138 6.55 -5.06 16.17
CA ILE B 138 5.79 -5.34 17.39
C ILE B 138 6.31 -6.60 18.08
N ALA B 139 6.62 -7.63 17.28
CA ALA B 139 7.19 -8.87 17.80
C ALA B 139 8.52 -8.63 18.50
N LYS B 140 9.33 -7.72 17.96
CA LYS B 140 10.64 -7.40 18.54
C LYS B 140 10.53 -6.59 19.83
N TYR B 141 9.70 -5.55 19.82
CA TYR B 141 9.50 -4.75 21.04
C TYR B 141 8.81 -5.56 22.14
N ALA B 142 7.88 -6.44 21.73
CA ALA B 142 7.23 -7.35 22.68
C ALA B 142 8.23 -8.21 23.42
N GLN B 143 9.24 -8.70 22.69
CA GLN B 143 10.31 -9.50 23.30
C GLN B 143 11.15 -8.66 24.26
N TYR B 144 11.44 -7.42 23.87
CA TYR B 144 12.14 -6.47 24.74
C TYR B 144 11.30 -6.15 25.98
N GLN B 145 10.03 -5.87 25.76
CA GLN B 145 9.09 -5.57 26.85
C GLN B 145 8.97 -6.76 27.80
N ALA B 146 8.86 -7.97 27.23
CA ALA B 146 8.75 -9.19 28.02
C ALA B 146 10.06 -9.50 28.76
N SER B 147 11.18 -9.44 28.05
CA SER B 147 12.48 -9.77 28.64
C SER B 147 12.92 -8.76 29.70
N SER B 148 12.58 -7.49 29.50
CA SER B 148 12.86 -6.46 30.50
C SER B 148 12.08 -6.71 31.79
N PHE B 149 10.85 -7.18 31.64
CA PHE B 149 10.03 -7.60 32.78
C PHE B 149 10.62 -8.83 33.46
N GLN B 150 11.15 -9.77 32.66
CA GLN B 150 11.79 -10.97 33.18
C GLN B 150 13.09 -10.65 33.92
N GLU B 151 13.77 -9.58 33.50
CA GLU B 151 15.03 -9.15 34.09
C GLU B 151 14.90 -8.79 35.58
N SER B 152 13.71 -8.35 35.99
CA SER B 152 13.45 -8.04 37.40
C SER B 152 13.38 -9.32 38.24
N LEU B 153 14.39 -9.52 39.08
CA LEU B 153 14.48 -10.69 39.95
C LEU B 153 14.61 -11.98 39.14
N HIS B 184 22.08 6.99 32.37
CA HIS B 184 22.55 5.84 33.13
C HIS B 184 21.98 4.55 32.59
N HIS B 185 20.69 4.32 32.80
CA HIS B 185 20.02 3.12 32.32
C HIS B 185 19.15 3.49 31.13
N ILE B 186 19.49 2.94 29.97
CA ILE B 186 18.78 3.25 28.73
C ILE B 186 17.55 2.35 28.59
N ILE B 187 16.40 2.97 28.27
CA ILE B 187 15.18 2.23 28.00
C ILE B 187 14.63 2.60 26.63
N LYS B 188 13.70 1.79 26.12
CA LYS B 188 13.11 1.99 24.81
C LYS B 188 11.59 2.08 24.91
N PHE B 189 11.01 3.02 24.19
CA PHE B 189 9.60 3.34 24.26
C PHE B 189 8.96 3.14 22.88
N GLY B 190 8.11 2.13 22.78
CA GLY B 190 7.44 1.81 21.52
C GLY B 190 6.22 2.68 21.30
N THR B 191 6.37 3.70 20.46
CA THR B 191 5.30 4.66 20.22
C THR B 191 4.73 4.57 18.81
N ASN B 192 3.59 5.23 18.62
CA ASN B 192 2.98 5.42 17.30
C ASN B 192 2.69 4.12 16.55
N ILE B 193 2.11 3.15 17.25
CA ILE B 193 1.66 1.91 16.61
C ILE B 193 0.29 2.16 16.00
N ASP B 194 0.17 1.95 14.70
CA ASP B 194 -1.02 2.33 13.94
C ASP B 194 -2.08 1.22 13.96
N LEU B 195 -3.25 1.53 14.51
CA LEU B 195 -4.37 0.60 14.52
C LEU B 195 -5.54 1.11 13.66
N SER B 196 -5.21 1.68 12.50
CA SER B 196 -6.21 2.27 11.61
C SER B 196 -6.80 1.27 10.62
N ASP B 197 -6.11 0.15 10.39
CA ASP B 197 -6.60 -0.88 9.48
C ASP B 197 -7.84 -1.55 10.06
N ALA B 198 -9.00 -1.25 9.47
CA ALA B 198 -10.28 -1.74 9.96
C ALA B 198 -10.39 -3.27 9.90
N LYS B 199 -9.82 -3.87 8.87
CA LYS B 199 -9.86 -5.31 8.70
C LYS B 199 -8.95 -6.03 9.69
N ARG B 200 -7.70 -5.60 9.76
CA ARG B 200 -6.69 -6.24 10.61
C ARG B 200 -7.02 -6.11 12.10
N TRP B 201 -7.51 -4.95 12.51
CA TRP B 201 -7.84 -4.69 13.91
C TRP B 201 -9.33 -4.63 14.14
N LYS B 202 -10.08 -5.50 13.46
CA LYS B 202 -11.55 -5.48 13.54
C LYS B 202 -12.07 -5.67 14.97
N PRO B 203 -11.68 -6.77 15.65
CA PRO B 203 -12.19 -6.96 17.02
C PRO B 203 -11.77 -5.88 18.00
N GLN B 204 -10.57 -5.32 17.82
CA GLN B 204 -10.08 -4.25 18.69
C GLN B 204 -10.97 -3.01 18.59
N LEU B 205 -11.21 -2.57 17.35
CA LEU B 205 -12.00 -1.35 17.10
C LEU B 205 -13.47 -1.52 17.47
N GLN B 206 -14.03 -2.71 17.19
CA GLN B 206 -15.42 -3.01 17.57
C GLN B 206 -15.63 -2.90 19.08
N GLU B 207 -14.60 -3.25 19.84
CA GLU B 207 -14.66 -3.18 21.30
C GLU B 207 -14.81 -1.75 21.81
N LEU B 208 -14.19 -0.80 21.09
CA LEU B 208 -14.25 0.61 21.47
C LEU B 208 -15.60 1.27 21.14
N LEU B 209 -16.47 0.55 20.42
CA LEU B 209 -17.85 1.03 20.18
C LEU B 209 -18.73 0.98 21.43
N LYS B 210 -18.25 0.33 22.50
CA LYS B 210 -19.00 0.23 23.75
C LYS B 210 -18.88 1.49 24.62
N LEU B 211 -18.03 2.44 24.21
CA LEU B 211 -17.89 3.70 24.94
C LEU B 211 -19.07 4.62 24.67
N PRO B 212 -19.29 5.62 25.54
CA PRO B 212 -20.31 6.62 25.23
C PRO B 212 -20.00 7.35 23.92
N ALA B 213 -21.04 7.80 23.22
CA ALA B 213 -20.91 8.36 21.88
C ALA B 213 -19.78 9.39 21.76
N PHE B 214 -19.71 10.31 22.72
CA PHE B 214 -18.77 11.43 22.64
C PHE B 214 -17.30 11.03 22.80
N MET B 215 -17.05 9.83 23.35
CA MET B 215 -15.69 9.32 23.51
C MET B 215 -15.24 8.42 22.37
N ARG B 216 -16.17 7.99 21.51
CA ARG B 216 -15.85 7.05 20.43
C ARG B 216 -14.90 7.66 19.41
N VAL B 217 -14.25 6.77 18.64
CA VAL B 217 -13.37 7.19 17.56
C VAL B 217 -14.17 7.96 16.50
N THR B 218 -15.38 7.49 16.22
CA THR B 218 -16.27 8.15 15.26
C THR B 218 -17.66 8.39 15.87
N SER B 219 -18.14 9.62 15.78
CA SER B 219 -19.50 9.97 16.17
C SER B 219 -19.92 11.27 15.49
N THR B 220 -21.23 11.48 15.37
CA THR B 220 -21.77 12.65 14.68
C THR B 220 -21.38 13.96 15.37
N GLY B 221 -21.24 13.92 16.69
CA GLY B 221 -20.86 15.09 17.47
C GLY B 221 -19.36 15.37 17.56
N ASN B 222 -18.56 14.58 16.84
CA ASN B 222 -17.10 14.71 16.83
C ASN B 222 -16.63 15.42 15.55
N MET B 223 -15.95 16.55 15.71
CA MET B 223 -15.44 17.32 14.57
C MET B 223 -14.53 16.50 13.65
N LEU B 224 -13.69 15.66 14.26
CA LEU B 224 -12.76 14.82 13.51
C LEU B 224 -13.49 13.78 12.64
N SER B 225 -14.73 13.46 12.98
CA SER B 225 -15.57 12.59 12.15
C SER B 225 -16.16 13.30 10.93
N HIS B 226 -16.00 14.63 10.86
CA HIS B 226 -16.43 15.41 9.71
C HIS B 226 -15.27 15.97 8.95
N VAL B 227 -14.12 15.30 9.02
CA VAL B 227 -12.95 15.67 8.24
C VAL B 227 -13.12 15.19 6.79
N GLY B 228 -13.70 14.01 6.62
CA GLY B 228 -13.90 13.41 5.30
C GLY B 228 -12.77 12.49 4.88
N HIS B 229 -11.72 12.41 5.72
CA HIS B 229 -10.56 11.56 5.45
C HIS B 229 -9.81 11.30 6.72
N THR B 230 -8.86 10.36 6.65
CA THR B 230 -8.11 9.94 7.83
C THR B 230 -7.06 10.98 8.24
N ILE B 231 -6.92 11.15 9.55
CA ILE B 231 -5.86 11.96 10.15
C ILE B 231 -5.20 11.06 11.19
N LEU B 232 -4.14 10.37 10.78
CA LEU B 232 -3.52 9.32 11.62
C LEU B 232 -3.26 9.80 13.05
N GLY B 233 -3.82 9.07 14.01
CA GLY B 233 -3.64 9.37 15.42
C GLY B 233 -4.72 10.24 16.05
N MET B 234 -5.50 10.93 15.22
CA MET B 234 -6.56 11.79 15.75
C MET B 234 -7.91 11.10 15.60
N ASN B 235 -8.30 10.78 14.37
CA ASN B 235 -9.51 9.99 14.13
C ASN B 235 -9.21 8.53 13.81
N THR B 236 -8.03 8.08 14.19
CA THR B 236 -7.68 6.66 14.21
C THR B 236 -6.92 6.36 15.50
N VAL B 237 -6.98 5.12 15.96
CA VAL B 237 -6.40 4.74 17.24
C VAL B 237 -4.89 4.47 17.12
N GLN B 238 -4.13 5.04 18.06
CA GLN B 238 -2.70 4.77 18.19
C GLN B 238 -2.46 3.97 19.44
N LEU B 239 -1.48 3.05 19.39
CA LEU B 239 -1.14 2.21 20.52
C LEU B 239 0.31 2.51 20.95
N TYR B 240 0.54 2.54 22.25
CA TYR B 240 1.86 2.75 22.82
C TYR B 240 2.24 1.56 23.68
N MET B 241 3.41 0.98 23.45
CA MET B 241 3.93 -0.12 24.27
C MET B 241 5.07 0.42 25.14
N LYS B 242 4.93 0.29 26.45
CA LYS B 242 5.81 0.97 27.41
C LYS B 242 6.61 0.03 28.30
N VAL B 243 7.73 0.55 28.81
CA VAL B 243 8.48 -0.06 29.92
C VAL B 243 8.60 0.98 31.02
N PRO B 244 8.98 0.58 32.25
CA PRO B 244 9.16 1.56 33.32
C PRO B 244 10.12 2.67 32.91
N GLY B 245 9.65 3.92 33.00
CA GLY B 245 10.44 5.08 32.59
C GLY B 245 10.02 5.68 31.26
N SER B 246 9.39 4.88 30.40
CA SER B 246 8.91 5.36 29.09
C SER B 246 8.20 6.70 29.25
N ARG B 247 8.82 7.75 28.70
CA ARG B 247 8.42 9.13 28.98
C ARG B 247 7.78 9.79 27.77
N THR B 248 6.61 10.41 28.00
CA THR B 248 5.89 11.15 26.98
C THR B 248 6.02 12.65 27.25
N PRO B 249 6.81 13.36 26.42
CA PRO B 249 7.05 14.79 26.65
C PRO B 249 5.79 15.66 26.67
N GLY B 250 5.91 16.85 27.26
CA GLY B 250 4.77 17.73 27.47
C GLY B 250 4.21 18.34 26.22
N HIS B 251 2.89 18.48 26.17
CA HIS B 251 2.22 19.01 24.99
C HIS B 251 0.79 19.37 25.23
N GLN B 252 0.25 20.19 24.34
CA GLN B 252 -1.18 20.30 24.13
C GLN B 252 -1.45 19.47 22.88
N GLU B 253 -2.67 18.96 22.73
CA GLU B 253 -3.04 18.17 21.57
C GLU B 253 -3.05 19.06 20.33
N ASN B 254 -2.94 18.43 19.15
CA ASN B 254 -3.07 19.16 17.88
C ASN B 254 -4.35 19.97 17.89
N ASN B 255 -4.22 21.28 17.65
CA ASN B 255 -5.36 22.20 17.62
C ASN B 255 -6.23 22.15 18.87
N ASN B 256 -5.60 21.89 20.03
CA ASN B 256 -6.29 21.82 21.32
C ASN B 256 -7.52 20.91 21.36
N PHE B 257 -7.49 19.83 20.57
CA PHE B 257 -8.59 18.87 20.58
C PHE B 257 -8.53 18.03 21.85
N CYS B 258 -9.68 17.51 22.27
CA CYS B 258 -9.74 16.64 23.44
C CYS B 258 -9.10 15.30 23.12
N SER B 259 -8.74 14.57 24.16
CA SER B 259 -8.04 13.31 24.00
C SER B 259 -8.64 12.23 24.89
N VAL B 260 -8.59 10.99 24.41
CA VAL B 260 -9.00 9.83 25.19
C VAL B 260 -7.82 8.88 25.29
N ASN B 261 -7.48 8.48 26.51
CA ASN B 261 -6.39 7.54 26.75
C ASN B 261 -6.86 6.43 27.69
N ILE B 262 -6.63 5.18 27.30
CA ILE B 262 -7.00 4.01 28.10
C ILE B 262 -5.76 3.18 28.37
N ASN B 263 -5.47 2.93 29.66
CA ASN B 263 -4.36 2.10 30.07
C ASN B 263 -4.78 0.62 30.02
N ILE B 264 -4.06 -0.16 29.20
CA ILE B 264 -4.35 -1.59 29.06
C ILE B 264 -3.72 -2.36 30.22
N GLY B 265 -2.68 -1.79 30.81
CA GLY B 265 -1.95 -2.44 31.90
C GLY B 265 -0.88 -3.38 31.34
N PRO B 266 -0.33 -4.27 32.18
CA PRO B 266 -0.69 -4.46 33.59
C PRO B 266 -0.13 -3.41 34.56
N GLY B 267 0.78 -2.56 34.09
CA GLY B 267 1.39 -1.53 34.93
C GLY B 267 0.64 -0.21 34.89
N ASP B 268 1.06 0.71 35.77
CA ASP B 268 0.44 2.03 35.90
C ASP B 268 1.12 3.08 35.05
N CYS B 269 0.38 4.16 34.79
CA CYS B 269 0.93 5.36 34.15
C CYS B 269 0.74 6.55 35.08
N GLU B 270 1.78 7.38 35.20
CA GLU B 270 1.72 8.58 36.01
C GLU B 270 1.46 9.79 35.11
N TRP B 271 0.48 10.61 35.49
CA TRP B 271 0.06 11.74 34.67
C TRP B 271 0.31 13.04 35.36
N PHE B 272 0.63 14.05 34.55
CA PHE B 272 0.79 15.42 35.02
C PHE B 272 -0.05 16.29 34.09
N ALA B 273 -0.76 17.26 34.66
CA ALA B 273 -1.61 18.12 33.85
C ALA B 273 -1.71 19.54 34.41
N VAL B 274 -1.83 20.50 33.49
CA VAL B 274 -2.05 21.90 33.83
C VAL B 274 -3.18 22.42 32.96
N HIS B 275 -4.06 23.23 33.55
CA HIS B 275 -5.19 23.81 32.83
C HIS B 275 -4.72 24.64 31.67
N GLU B 276 -5.50 24.63 30.58
CA GLU B 276 -5.20 25.39 29.38
C GLU B 276 -4.86 26.86 29.68
N HIS B 277 -5.60 27.44 30.62
CA HIS B 277 -5.40 28.82 31.07
C HIS B 277 -3.96 29.22 31.26
N TYR B 278 -3.11 28.30 31.72
CA TYR B 278 -1.71 28.60 32.02
C TYR B 278 -0.72 28.31 30.87
N TRP B 279 -1.21 27.97 29.68
CA TRP B 279 -0.33 27.46 28.62
C TRP B 279 0.73 28.43 28.16
N GLU B 280 0.42 29.73 28.17
CA GLU B 280 1.39 30.74 27.71
C GLU B 280 2.58 30.85 28.67
N THR B 281 2.33 30.66 29.95
CA THR B 281 3.41 30.65 30.94
C THR B 281 4.33 29.44 30.72
N ILE B 282 3.75 28.30 30.36
CA ILE B 282 4.54 27.09 30.10
C ILE B 282 5.36 27.26 28.82
N SER B 283 4.77 27.88 27.80
CA SER B 283 5.48 28.20 26.56
C SER B 283 6.59 29.20 26.79
N ALA B 284 6.36 30.16 27.69
CA ALA B 284 7.39 31.13 28.08
C ALA B 284 8.57 30.44 28.76
N PHE B 285 8.28 29.44 29.59
CA PHE B 285 9.34 28.63 30.21
C PHE B 285 10.12 27.85 29.16
N CYS B 286 9.42 27.29 28.17
CA CYS B 286 10.07 26.55 27.10
C CYS B 286 11.05 27.44 26.32
N ASP B 287 10.57 28.63 25.96
CA ASP B 287 11.41 29.62 25.26
C ASP B 287 12.59 30.02 26.14
N ARG B 288 12.31 30.24 27.42
CA ARG B 288 13.32 30.61 28.42
C ARG B 288 14.37 29.50 28.59
N HIS B 289 13.98 28.24 28.37
CA HIS B 289 14.87 27.10 28.49
C HIS B 289 15.27 26.50 27.16
N GLY B 290 15.16 27.28 26.10
CA GLY B 290 15.72 26.92 24.80
C GLY B 290 15.07 25.78 24.04
N VAL B 291 13.75 25.58 24.22
CA VAL B 291 13.02 24.52 23.52
C VAL B 291 11.71 25.04 22.92
N ASP B 292 11.36 24.52 21.75
CA ASP B 292 10.13 24.91 21.04
C ASP B 292 8.91 24.34 21.75
N TYR B 293 8.02 25.22 22.22
CA TYR B 293 6.83 24.78 22.94
C TYR B 293 5.88 23.94 22.09
N LEU B 294 5.62 24.39 20.87
CA LEU B 294 4.63 23.76 20.00
C LEU B 294 5.10 22.44 19.40
N THR B 295 6.38 22.36 19.03
CA THR B 295 6.91 21.18 18.32
C THR B 295 8.06 20.46 19.03
N GLY B 296 8.69 21.10 20.01
CA GLY B 296 9.86 20.53 20.68
C GLY B 296 9.52 19.48 21.71
N SER B 297 10.56 18.82 22.21
N SER B 297 10.56 18.80 22.20
CA SER B 297 10.42 17.78 23.23
CA SER B 297 10.41 17.78 23.24
C SER B 297 10.89 18.31 24.58
C SER B 297 10.89 18.31 24.58
N TRP B 298 9.98 18.44 25.54
CA TRP B 298 10.29 18.99 26.86
C TRP B 298 9.57 18.31 28.00
N TRP B 299 10.09 18.55 29.20
CA TRP B 299 9.57 17.97 30.44
C TRP B 299 9.61 19.05 31.49
N PRO B 300 8.45 19.51 31.97
CA PRO B 300 8.48 20.63 32.93
C PRO B 300 9.22 20.36 34.23
N ILE B 301 10.02 21.34 34.68
CA ILE B 301 10.57 21.33 36.02
C ILE B 301 9.45 21.77 36.95
N LEU B 302 9.05 20.90 37.86
CA LEU B 302 7.87 21.13 38.70
C LEU B 302 8.00 22.36 39.60
N ASP B 303 9.20 22.60 40.12
CA ASP B 303 9.45 23.77 40.96
C ASP B 303 9.24 25.10 40.23
N ASP B 304 9.52 25.13 38.92
CA ASP B 304 9.23 26.30 38.09
C ASP B 304 7.73 26.58 38.06
N LEU B 305 6.93 25.52 37.90
CA LEU B 305 5.47 25.64 37.86
C LEU B 305 4.93 26.04 39.24
N TYR B 306 5.44 25.42 40.30
CA TYR B 306 5.02 25.76 41.67
C TYR B 306 5.39 27.20 42.04
N ALA B 307 6.55 27.65 41.57
CA ALA B 307 7.01 29.03 41.82
C ALA B 307 6.12 30.07 41.14
N SER B 308 5.47 29.69 40.05
CA SER B 308 4.54 30.57 39.35
C SER B 308 3.08 30.36 39.80
N ASN B 309 2.89 29.64 40.91
CA ASN B 309 1.56 29.33 41.45
C ASN B 309 0.64 28.65 40.43
N ILE B 310 1.22 27.76 39.62
CA ILE B 310 0.46 27.00 38.62
C ILE B 310 0.08 25.65 39.24
N PRO B 311 -1.22 25.41 39.44
CA PRO B 311 -1.62 24.12 40.00
C PRO B 311 -1.29 22.97 39.06
N VAL B 312 -0.69 21.92 39.59
CA VAL B 312 -0.31 20.76 38.79
C VAL B 312 -1.10 19.54 39.24
N TYR B 313 -1.98 19.07 38.36
CA TYR B 313 -2.74 17.85 38.59
C TYR B 313 -1.79 16.66 38.46
N ARG B 314 -1.73 15.85 39.52
CA ARG B 314 -0.91 14.63 39.54
C ARG B 314 -1.78 13.44 39.90
N PHE B 315 -1.80 12.42 39.06
CA PHE B 315 -2.57 11.22 39.33
C PHE B 315 -2.00 9.99 38.65
N VAL B 316 -2.47 8.82 39.08
CA VAL B 316 -2.03 7.55 38.53
C VAL B 316 -3.16 6.97 37.69
N GLN B 317 -2.85 6.58 36.46
CA GLN B 317 -3.80 5.92 35.57
C GLN B 317 -3.54 4.43 35.64
N ARG B 318 -4.47 3.70 36.25
CA ARG B 318 -4.30 2.28 36.49
C ARG B 318 -4.91 1.48 35.32
N PRO B 319 -4.58 0.19 35.23
CA PRO B 319 -5.16 -0.63 34.15
C PRO B 319 -6.68 -0.60 34.14
N GLY B 320 -7.26 -0.21 33.01
CA GLY B 320 -8.70 -0.11 32.87
C GLY B 320 -9.25 1.29 33.07
N ASP B 321 -8.43 2.19 33.60
CA ASP B 321 -8.83 3.59 33.78
C ASP B 321 -8.75 4.35 32.45
N LEU B 322 -9.80 5.13 32.17
CA LEU B 322 -9.82 6.00 31.01
C LEU B 322 -9.49 7.41 31.46
N VAL B 323 -8.56 8.05 30.77
CA VAL B 323 -8.23 9.45 31.02
C VAL B 323 -8.80 10.29 29.89
N TRP B 324 -9.65 11.25 30.26
CA TRP B 324 -10.20 12.21 29.32
C TRP B 324 -9.47 13.51 29.51
N ILE B 325 -8.79 13.96 28.46
CA ILE B 325 -8.04 15.21 28.51
C ILE B 325 -8.91 16.27 27.82
N ASN B 326 -9.33 17.27 28.58
CA ASN B 326 -10.21 18.31 28.05
C ASN B 326 -9.44 19.23 27.10
N ALA B 327 -10.17 20.03 26.33
CA ALA B 327 -9.59 20.89 25.29
C ALA B 327 -8.46 21.79 25.81
N GLY B 328 -7.27 21.61 25.24
CA GLY B 328 -6.13 22.50 25.49
C GLY B 328 -5.37 22.27 26.78
N THR B 329 -5.69 21.19 27.50
CA THR B 329 -4.99 20.87 28.75
C THR B 329 -3.56 20.43 28.46
N VAL B 330 -2.60 21.11 29.09
CA VAL B 330 -1.18 20.75 28.95
C VAL B 330 -0.91 19.55 29.83
N HIS B 331 -0.26 18.53 29.28
CA HIS B 331 -0.03 17.29 30.03
C HIS B 331 1.21 16.56 29.61
N TRP B 332 1.79 15.83 30.57
CA TRP B 332 2.95 14.98 30.31
C TRP B 332 2.84 13.73 31.14
N VAL B 333 3.36 12.61 30.61
CA VAL B 333 3.10 11.29 31.16
C VAL B 333 4.35 10.42 31.19
N GLN B 334 4.43 9.54 32.19
CA GLN B 334 5.50 8.56 32.28
C GLN B 334 4.96 7.22 32.79
N ALA B 335 5.38 6.13 32.17
CA ALA B 335 5.01 4.79 32.62
C ALA B 335 5.73 4.47 33.92
N THR B 336 4.99 4.00 34.92
CA THR B 336 5.57 3.56 36.18
C THR B 336 5.94 2.07 36.08
N GLY B 337 5.10 1.31 35.40
CA GLY B 337 5.36 -0.12 35.16
C GLY B 337 5.32 -0.46 33.68
N TRP B 338 5.21 -1.75 33.39
CA TRP B 338 5.07 -2.24 32.01
C TRP B 338 3.63 -2.17 31.64
N CYS B 339 3.33 -1.45 30.55
CA CYS B 339 1.94 -1.34 30.12
C CYS B 339 1.83 -0.96 28.65
N ASN B 340 0.61 -1.10 28.13
CA ASN B 340 0.23 -0.58 26.83
C ASN B 340 -0.85 0.48 27.02
N ASN B 341 -0.80 1.54 26.22
CA ASN B 341 -1.85 2.55 26.20
C ASN B 341 -2.38 2.72 24.78
N ILE B 342 -3.70 2.85 24.65
CA ILE B 342 -4.32 3.21 23.37
C ILE B 342 -4.89 4.62 23.48
N ALA B 343 -4.90 5.35 22.36
CA ALA B 343 -5.32 6.75 22.38
C ALA B 343 -5.81 7.25 21.03
N TRP B 344 -6.67 8.26 21.10
CA TRP B 344 -7.16 8.97 19.92
C TRP B 344 -7.69 10.29 20.37
N ASN B 345 -8.02 11.16 19.43
CA ASN B 345 -8.58 12.48 19.74
C ASN B 345 -10.07 12.56 19.46
N VAL B 346 -10.73 13.49 20.13
CA VAL B 346 -12.13 13.79 19.89
C VAL B 346 -12.34 15.30 19.95
N GLY B 347 -13.19 15.81 19.07
CA GLY B 347 -13.48 17.25 19.02
C GLY B 347 -14.95 17.50 19.19
N PRO B 348 -15.44 17.48 20.45
CA PRO B 348 -16.88 17.68 20.65
C PRO B 348 -17.35 19.04 20.13
N LEU B 349 -18.55 19.06 19.54
CA LEU B 349 -19.09 20.28 18.95
C LEU B 349 -19.65 21.19 20.02
N THR B 350 -18.74 21.91 20.68
CA THR B 350 -19.11 22.89 21.71
C THR B 350 -18.39 24.21 21.42
N ALA B 351 -18.93 25.29 21.96
CA ALA B 351 -18.33 26.61 21.79
C ALA B 351 -16.92 26.66 22.39
N TYR B 352 -16.75 26.01 23.54
CA TYR B 352 -15.47 25.97 24.24
C TYR B 352 -14.39 25.28 23.41
N GLN B 353 -14.69 24.09 22.89
CA GLN B 353 -13.73 23.33 22.08
C GLN B 353 -13.41 24.06 20.78
N TYR B 354 -14.44 24.52 20.08
CA TYR B 354 -14.26 25.17 18.79
C TYR B 354 -13.38 26.42 18.89
N GLN B 355 -13.65 27.26 19.90
CA GLN B 355 -12.89 28.50 20.11
C GLN B 355 -11.41 28.22 20.32
N LEU B 356 -11.10 27.28 21.21
CA LEU B 356 -9.71 26.87 21.47
C LEU B 356 -9.08 26.25 20.23
N ALA B 357 -9.88 25.54 19.43
CA ALA B 357 -9.40 24.92 18.20
C ALA B 357 -8.97 25.98 17.16
N LEU B 358 -9.77 27.03 17.01
CA LEU B 358 -9.45 28.12 16.09
C LEU B 358 -8.32 29.01 16.62
N GLU B 359 -8.23 29.16 17.94
CA GLU B 359 -7.14 29.95 18.53
C GLU B 359 -5.79 29.35 18.19
N ARG B 360 -5.64 28.05 18.43
CA ARG B 360 -4.39 27.36 18.11
C ARG B 360 -4.16 27.34 16.60
N TYR B 361 -5.23 27.20 15.84
CA TYR B 361 -5.16 27.25 14.37
C TYR B 361 -4.53 28.56 13.90
N GLU B 362 -5.02 29.68 14.43
CA GLU B 362 -4.45 30.99 14.11
C GLU B 362 -3.03 31.14 14.64
N TRP B 363 -2.80 30.66 15.87
CA TRP B 363 -1.48 30.73 16.50
C TRP B 363 -0.46 29.91 15.76
N ASN B 364 -0.86 28.71 15.33
CA ASN B 364 -0.02 27.86 14.50
C ASN B 364 0.49 28.56 13.24
N GLU B 365 -0.38 29.37 12.64
CA GLU B 365 -0.05 30.11 11.43
C GLU B 365 1.01 31.17 11.71
N VAL B 366 0.89 31.84 12.86
CA VAL B 366 1.87 32.84 13.29
C VAL B 366 3.25 32.22 13.54
N LYS B 367 3.27 30.98 14.04
CA LYS B 367 4.53 30.29 14.33
C LYS B 367 4.97 29.33 13.22
N ASN B 368 4.26 29.36 12.09
CA ASN B 368 4.56 28.49 10.95
C ASN B 368 4.60 27.00 11.31
N VAL B 369 3.58 26.58 12.05
CA VAL B 369 3.42 25.18 12.46
C VAL B 369 2.16 24.62 11.78
N LYS B 370 2.28 23.44 11.19
CA LYS B 370 1.16 22.80 10.51
C LYS B 370 0.03 22.46 11.49
N SER B 371 -1.17 22.98 11.21
CA SER B 371 -2.36 22.53 11.91
C SER B 371 -2.78 21.19 11.31
N ILE B 372 -2.62 20.12 12.09
CA ILE B 372 -2.95 18.77 11.62
C ILE B 372 -4.45 18.60 11.39
N VAL B 373 -5.25 19.43 12.07
CA VAL B 373 -6.68 19.52 11.79
C VAL B 373 -6.95 20.75 10.91
N PRO B 374 -7.39 20.53 9.66
CA PRO B 374 -7.70 21.65 8.76
C PRO B 374 -9.05 22.28 9.11
N MET B 375 -9.02 23.29 9.97
CA MET B 375 -10.24 23.83 10.58
C MET B 375 -11.24 24.46 9.62
N ILE B 376 -10.77 25.05 8.53
CA ILE B 376 -11.66 25.65 7.54
C ILE B 376 -12.42 24.53 6.82
N HIS B 377 -11.69 23.56 6.29
CA HIS B 377 -12.27 22.37 5.67
C HIS B 377 -13.26 21.69 6.58
N VAL B 378 -12.89 21.51 7.83
CA VAL B 378 -13.77 20.88 8.82
C VAL B 378 -15.02 21.71 9.11
N SER B 379 -14.85 23.03 9.23
CA SER B 379 -15.97 23.92 9.54
C SER B 379 -17.04 23.89 8.45
N TRP B 380 -16.63 23.85 7.19
CA TRP B 380 -17.57 23.75 6.07
C TRP B 380 -18.31 22.45 6.07
N ASN B 381 -17.60 21.35 6.33
CA ASN B 381 -18.21 20.03 6.43
C ASN B 381 -19.23 19.95 7.56
N VAL B 382 -18.86 20.48 8.73
CA VAL B 382 -19.75 20.53 9.89
C VAL B 382 -21.02 21.33 9.56
N ALA B 383 -20.84 22.49 8.94
CA ALA B 383 -21.95 23.35 8.53
C ALA B 383 -22.88 22.69 7.51
N ARG B 384 -22.31 21.84 6.66
CA ARG B 384 -23.09 21.17 5.60
C ARG B 384 -24.01 20.07 6.13
N THR B 385 -23.57 19.34 7.17
CA THR B 385 -24.25 18.11 7.59
C THR B 385 -24.75 18.07 9.04
N VAL B 386 -24.29 18.98 9.90
CA VAL B 386 -24.65 18.95 11.32
C VAL B 386 -25.47 20.16 11.76
N LYS B 387 -26.58 19.92 12.44
CA LYS B 387 -27.41 20.99 13.00
C LYS B 387 -26.82 21.45 14.34
N ILE B 388 -26.52 22.75 14.42
CA ILE B 388 -25.91 23.35 15.61
C ILE B 388 -26.92 24.20 16.35
N SER B 389 -27.19 23.85 17.61
CA SER B 389 -28.19 24.53 18.43
C SER B 389 -27.61 25.55 19.41
N ASP B 390 -26.31 25.45 19.69
CA ASP B 390 -25.62 26.37 20.59
C ASP B 390 -25.36 27.70 19.88
N PRO B 391 -25.97 28.80 20.36
CA PRO B 391 -25.79 30.10 19.70
C PRO B 391 -24.34 30.58 19.63
N ASP B 392 -23.60 30.42 20.72
CA ASP B 392 -22.19 30.81 20.75
C ASP B 392 -21.36 30.03 19.74
N LEU B 393 -21.59 28.72 19.64
CA LEU B 393 -20.88 27.87 18.69
C LEU B 393 -21.27 28.22 17.26
N PHE B 394 -22.57 28.34 17.00
CA PHE B 394 -23.08 28.64 15.67
C PHE B 394 -22.45 29.91 15.10
N LYS B 395 -22.40 30.96 15.91
CA LYS B 395 -21.88 32.25 15.47
C LYS B 395 -20.38 32.19 15.19
N MET B 396 -19.64 31.41 15.96
CA MET B 396 -18.21 31.22 15.71
C MET B 396 -17.97 30.49 14.39
N ILE B 397 -18.74 29.43 14.15
CA ILE B 397 -18.64 28.67 12.90
C ILE B 397 -19.09 29.55 11.72
N LYS B 398 -20.19 30.27 11.91
CA LYS B 398 -20.73 31.17 10.89
C LYS B 398 -19.70 32.23 10.47
N PHE B 399 -19.06 32.83 11.47
CA PHE B 399 -18.03 33.84 11.23
C PHE B 399 -16.84 33.28 10.46
N CYS B 400 -16.36 32.10 10.87
CA CYS B 400 -15.26 31.43 10.19
C CYS B 400 -15.59 31.18 8.71
N LEU B 401 -16.81 30.75 8.45
CA LEU B 401 -17.29 30.50 7.08
C LEU B 401 -17.36 31.80 6.26
N LEU B 402 -17.86 32.86 6.89
CA LEU B 402 -17.95 34.16 6.23
C LEU B 402 -16.56 34.66 5.83
N GLN B 403 -15.64 34.65 6.80
CA GLN B 403 -14.25 35.04 6.57
C GLN B 403 -13.61 34.22 5.44
N SER B 404 -13.94 32.93 5.38
CA SER B 404 -13.42 32.04 4.36
C SER B 404 -13.92 32.40 2.95
N MET B 405 -15.20 32.74 2.86
CA MET B 405 -15.79 33.16 1.58
C MET B 405 -15.18 34.48 1.09
N LYS B 406 -15.04 35.43 2.01
CA LYS B 406 -14.44 36.73 1.70
C LYS B 406 -13.00 36.59 1.22
N HIS B 407 -12.24 35.73 1.88
CA HIS B 407 -10.84 35.49 1.49
C HIS B 407 -10.78 34.88 0.12
N CYS B 408 -11.63 33.88 -0.14
CA CYS B 408 -11.74 33.28 -1.46
C CYS B 408 -12.16 34.31 -2.52
N GLN B 409 -13.06 35.21 -2.14
CA GLN B 409 -13.53 36.27 -3.03
C GLN B 409 -12.38 37.21 -3.39
N VAL B 410 -11.59 37.61 -2.40
CA VAL B 410 -10.45 38.50 -2.62
C VAL B 410 -9.40 37.86 -3.53
N GLN B 411 -9.17 36.56 -3.35
CA GLN B 411 -8.22 35.81 -4.18
C GLN B 411 -8.65 35.77 -5.65
N ARG B 412 -9.93 35.46 -5.88
CA ARG B 412 -10.46 35.38 -7.24
C ARG B 412 -10.38 36.72 -7.96
N GLU B 413 -10.80 37.78 -7.27
CA GLU B 413 -10.81 39.12 -7.85
C GLU B 413 -9.42 39.60 -8.27
N SER B 414 -8.42 39.38 -7.42
CA SER B 414 -7.05 39.78 -7.72
C SER B 414 -6.45 38.94 -8.84
N LEU B 415 -6.77 37.65 -8.87
CA LEU B 415 -6.33 36.76 -9.94
C LEU B 415 -6.93 37.19 -11.29
N VAL B 416 -8.20 37.57 -11.28
CA VAL B 416 -8.89 38.01 -12.50
C VAL B 416 -8.33 39.35 -12.98
N ARG B 417 -8.09 40.29 -12.05
CA ARG B 417 -7.45 41.56 -12.39
C ARG B 417 -6.08 41.33 -13.06
N ALA B 418 -5.30 40.39 -12.54
CA ALA B 418 -4.00 40.05 -13.10
C ALA B 418 -4.07 39.34 -14.46
N GLY B 419 -5.26 38.88 -14.83
CA GLY B 419 -5.46 38.17 -16.10
C GLY B 419 -5.18 36.69 -16.01
N LYS B 420 -5.16 36.15 -14.79
CA LYS B 420 -4.88 34.74 -14.54
C LYS B 420 -6.14 33.90 -14.63
N LYS B 421 -6.03 32.72 -15.24
CA LYS B 421 -7.16 31.80 -15.39
C LYS B 421 -7.31 30.93 -14.14
N ILE B 422 -8.54 30.50 -13.87
CA ILE B 422 -8.83 29.58 -12.78
C ILE B 422 -9.68 28.42 -13.30
N ALA B 423 -9.15 27.21 -13.24
CA ALA B 423 -9.90 26.02 -13.66
C ALA B 423 -10.71 25.48 -12.49
N TYR B 424 -11.90 24.96 -12.78
CA TYR B 424 -12.69 24.30 -11.75
C TYR B 424 -12.26 22.84 -11.61
N GLN B 425 -11.76 22.48 -10.43
CA GLN B 425 -11.30 21.13 -10.16
C GLN B 425 -12.41 20.28 -9.54
N GLY B 426 -13.14 20.86 -8.59
CA GLY B 426 -14.18 20.14 -7.86
C GLY B 426 -13.60 19.33 -6.71
N ARG B 427 -14.46 18.57 -6.03
CA ARG B 427 -14.02 17.68 -4.95
C ARG B 427 -14.35 16.22 -5.27
N VAL B 428 -13.50 15.32 -4.78
CA VAL B 428 -13.67 13.88 -4.98
C VAL B 428 -13.86 13.21 -3.62
N LYS B 429 -14.48 12.04 -3.61
CA LYS B 429 -14.70 11.28 -2.38
C LYS B 429 -13.37 10.89 -1.73
N ASP B 430 -13.28 11.09 -0.41
CA ASP B 430 -12.09 10.77 0.38
C ASP B 430 -10.86 11.62 0.03
N GLU B 431 -11.07 12.76 -0.63
CA GLU B 431 -9.97 13.65 -1.00
C GLU B 431 -9.49 14.40 0.24
N PRO B 432 -8.17 14.49 0.44
CA PRO B 432 -7.66 15.17 1.63
C PRO B 432 -7.73 16.68 1.52
N ALA B 433 -7.61 17.36 2.65
CA ALA B 433 -7.46 18.81 2.67
C ALA B 433 -6.02 19.12 2.28
N TYR B 434 -5.81 20.27 1.65
CA TYR B 434 -4.49 20.60 1.10
C TYR B 434 -3.75 21.64 1.95
N TYR B 435 -2.43 21.51 1.96
CA TYR B 435 -1.55 22.40 2.71
C TYR B 435 -0.46 22.94 1.82
N CYS B 436 0.09 24.09 2.18
CA CYS B 436 1.17 24.72 1.41
C CYS B 436 2.48 23.97 1.61
N ASN B 437 3.11 23.57 0.51
CA ASN B 437 4.38 22.84 0.55
C ASN B 437 5.48 23.60 1.30
N GLU B 438 5.45 24.93 1.24
CA GLU B 438 6.50 25.76 1.83
C GLU B 438 6.23 26.11 3.29
N CYS B 439 5.08 26.71 3.57
CA CYS B 439 4.79 27.26 4.90
C CYS B 439 3.79 26.44 5.73
N ASP B 440 3.28 25.34 5.17
CA ASP B 440 2.39 24.40 5.87
C ASP B 440 1.00 24.94 6.25
N VAL B 441 0.62 26.11 5.75
CA VAL B 441 -0.72 26.65 6.01
C VAL B 441 -1.76 25.84 5.25
N GLU B 442 -2.98 25.78 5.80
CA GLU B 442 -4.10 25.15 5.08
C GLU B 442 -4.43 26.00 3.86
N VAL B 443 -4.51 25.36 2.71
CA VAL B 443 -4.88 26.02 1.46
C VAL B 443 -6.29 25.55 1.08
N PHE B 444 -7.28 26.39 1.40
CA PHE B 444 -8.68 26.02 1.19
C PHE B 444 -9.24 26.56 -0.13
N ASN B 445 -9.92 25.68 -0.87
CA ASN B 445 -10.63 26.04 -2.11
C ASN B 445 -9.72 26.45 -3.26
N ILE B 446 -9.10 27.63 -3.16
CA ILE B 446 -8.25 28.15 -4.24
C ILE B 446 -6.85 27.56 -4.10
N LEU B 447 -6.52 26.63 -4.98
CA LEU B 447 -5.24 25.93 -4.94
C LEU B 447 -4.30 26.44 -6.01
N PHE B 448 -3.07 26.76 -5.61
CA PHE B 448 -2.02 27.17 -6.55
C PHE B 448 -1.09 25.97 -6.75
N VAL B 449 -1.18 25.34 -7.92
CA VAL B 449 -0.51 24.06 -8.16
C VAL B 449 0.64 24.18 -9.16
N THR B 450 1.75 23.52 -8.85
CA THR B 450 2.90 23.42 -9.75
C THR B 450 3.22 21.95 -10.00
N SER B 451 3.97 21.68 -11.07
CA SER B 451 4.33 20.31 -11.44
C SER B 451 5.73 19.98 -10.95
N THR B 458 5.04 14.90 -10.19
CA THR B 458 4.15 15.14 -9.05
C THR B 458 3.65 16.58 -9.02
N TYR B 459 2.46 16.78 -8.45
CA TYR B 459 1.84 18.10 -8.36
C TYR B 459 1.84 18.61 -6.92
N LEU B 460 2.55 19.71 -6.68
CA LEU B 460 2.67 20.30 -5.35
C LEU B 460 1.73 21.50 -5.20
N VAL B 461 1.13 21.64 -4.02
CA VAL B 461 0.19 22.73 -3.73
C VAL B 461 0.84 23.81 -2.87
N HIS B 462 0.62 25.07 -3.26
CA HIS B 462 1.14 26.22 -2.52
C HIS B 462 0.00 27.13 -2.13
N CYS B 463 0.25 28.02 -1.17
CA CYS B 463 -0.70 29.07 -0.82
C CYS B 463 -0.46 30.28 -1.74
N GLU B 464 -1.33 31.28 -1.63
CA GLU B 464 -1.26 32.48 -2.47
C GLU B 464 0.07 33.19 -2.33
N GLY B 465 0.45 33.50 -1.09
CA GLY B 465 1.69 34.22 -0.80
C GLY B 465 2.94 33.52 -1.32
N CYS B 466 3.05 32.23 -1.03
CA CYS B 466 4.21 31.44 -1.46
C CYS B 466 4.25 31.26 -2.98
N ALA B 467 3.08 31.13 -3.59
CA ALA B 467 2.97 31.07 -5.05
C ALA B 467 3.47 32.36 -5.69
N ARG B 468 2.97 33.50 -5.19
CA ARG B 468 3.41 34.81 -5.66
C ARG B 468 4.90 35.04 -5.44
N ARG B 469 5.41 34.48 -4.35
CA ARG B 469 6.82 34.65 -3.96
C ARG B 469 7.80 33.97 -4.92
N ARG B 470 7.31 33.00 -5.70
CA ARG B 470 8.13 32.30 -6.69
C ARG B 470 8.87 33.28 -7.60
N SER B 471 10.07 32.90 -8.04
CA SER B 471 10.91 33.76 -8.87
C SER B 471 10.23 34.14 -10.19
N ALA B 472 9.44 33.22 -10.75
CA ALA B 472 8.71 33.47 -11.99
C ALA B 472 7.24 33.88 -11.75
N GLY B 473 6.92 34.24 -10.51
CA GLY B 473 5.55 34.63 -10.16
C GLY B 473 4.58 33.49 -10.32
N LEU B 474 3.43 33.77 -10.95
CA LEU B 474 2.42 32.74 -11.21
C LEU B 474 2.62 32.03 -12.55
N GLN B 475 3.76 32.25 -13.20
CA GLN B 475 4.09 31.54 -14.43
C GLN B 475 4.45 30.09 -14.12
N GLY B 476 3.82 29.16 -14.82
CA GLY B 476 3.99 27.74 -14.56
C GLY B 476 3.21 27.27 -13.34
N VAL B 477 2.29 28.09 -12.86
CA VAL B 477 1.42 27.76 -11.74
C VAL B 477 -0.03 27.75 -12.19
N VAL B 478 -0.65 26.58 -12.20
CA VAL B 478 -2.06 26.46 -12.53
C VAL B 478 -2.89 26.67 -11.28
N VAL B 479 -3.85 27.59 -11.35
CA VAL B 479 -4.75 27.87 -10.23
C VAL B 479 -6.02 27.03 -10.37
N LEU B 480 -6.34 26.27 -9.33
CA LEU B 480 -7.52 25.41 -9.32
C LEU B 480 -8.56 25.95 -8.33
N GLU B 481 -9.83 25.72 -8.64
CA GLU B 481 -10.93 26.08 -7.75
C GLU B 481 -11.74 24.81 -7.44
N GLN B 482 -11.88 24.52 -6.15
CA GLN B 482 -12.60 23.32 -5.71
C GLN B 482 -14.07 23.58 -5.39
N TYR B 483 -14.37 24.79 -4.91
CA TYR B 483 -15.76 25.20 -4.65
C TYR B 483 -16.03 26.55 -5.30
N ARG B 484 -17.03 26.60 -6.18
CA ARG B 484 -17.47 27.87 -6.76
C ARG B 484 -18.12 28.75 -5.70
N THR B 485 -18.11 30.06 -5.93
CA THR B 485 -18.74 31.02 -5.03
C THR B 485 -20.15 30.59 -4.63
N GLU B 486 -20.93 30.15 -5.63
CA GLU B 486 -22.32 29.75 -5.40
C GLU B 486 -22.44 28.54 -4.47
N GLU B 487 -21.48 27.61 -4.54
CA GLU B 487 -21.49 26.43 -3.68
C GLU B 487 -21.32 26.81 -2.21
N LEU B 488 -20.37 27.70 -1.94
CA LEU B 488 -20.11 28.17 -0.57
C LEU B 488 -21.23 29.07 -0.07
N ALA B 489 -21.78 29.89 -0.96
CA ALA B 489 -22.88 30.80 -0.61
C ALA B 489 -24.15 30.03 -0.26
N GLN B 490 -24.46 28.98 -1.03
CA GLN B 490 -25.62 28.13 -0.77
C GLN B 490 -25.44 27.29 0.50
N ALA B 491 -24.22 26.82 0.75
CA ALA B 491 -23.90 26.14 2.00
C ALA B 491 -24.01 27.10 3.19
N TYR B 492 -23.52 28.32 3.00
CA TYR B 492 -23.57 29.36 4.02
C TYR B 492 -25.01 29.74 4.39
N ASP B 493 -25.83 29.98 3.38
CA ASP B 493 -27.24 30.33 3.59
C ASP B 493 -28.03 29.17 4.20
N ALA B 494 -27.64 27.94 3.86
CA ALA B 494 -28.29 26.75 4.41
C ALA B 494 -27.90 26.47 5.87
N PHE B 495 -26.79 27.05 6.32
CA PHE B 495 -26.33 26.86 7.69
C PHE B 495 -27.11 27.75 8.66
N THR B 496 -28.10 27.17 9.32
CA THR B 496 -29.04 27.91 10.18
C THR B 496 -28.99 27.40 11.62
N LEU B 497 -29.19 28.31 12.57
CA LEU B 497 -29.17 27.96 14.00
C LEU B 497 -30.35 27.07 14.36
N ALA B 498 -30.05 25.85 14.82
CA ALA B 498 -31.08 24.91 15.25
C ALA B 498 -31.68 25.33 16.59
N PRO B 499 -32.90 24.83 16.91
CA PRO B 499 -33.56 25.22 18.15
C PRO B 499 -32.98 24.51 19.38
C1 YC8 C . 2.16 -12.21 -29.23
N1 YC8 C . 0.97 -11.78 -25.11
O1 YC8 C . 2.90 -11.22 -29.73
C2 YC8 C . 1.75 -12.07 -27.78
N2 YC8 C . 1.62 -14.52 -27.57
O2 YC8 C . 1.80 -13.18 -29.88
C3 YC8 C . 1.60 -10.81 -27.22
O3 YC8 C . 0.95 -15.78 -25.82
C4 YC8 C . 1.22 -10.72 -25.88
C5 YC8 C . 1.11 -13.00 -25.65
C6 YC8 C . 1.49 -13.22 -26.98
C7 YC8 C . 1.32 -15.68 -26.97
C8 YC8 C . 1.42 -16.91 -27.84
C9 YC8 C . 0.02 -17.42 -28.18
C10 YC8 C . 0.07 -18.83 -28.78
C11 YC8 C . -1.30 -19.45 -28.84
C12 YC8 C . -2.10 -19.27 -29.96
C13 YC8 C . -3.36 -19.86 -30.02
C14 YC8 C . -3.83 -20.63 -28.96
C15 YC8 C . -3.02 -20.82 -27.85
C16 YC8 C . -1.76 -20.22 -27.78
ZN ZN D . -0.52 -31.28 -3.31
MG MG E . -7.74 -6.15 -7.73
N1 BCN F . -3.24 -18.85 -23.28
N1 BCN F . -3.08 -18.80 -23.39
C1 BCN F . -3.51 -19.89 -24.28
C1 BCN F . -3.45 -19.90 -24.28
C2 BCN F . -2.56 -21.05 -24.09
C2 BCN F . -2.48 -21.05 -24.09
O21 BCN F . -1.49 -20.86 -23.48
O21 BCN F . -1.28 -20.86 -24.33
O22 BCN F . -2.90 -22.17 -24.56
O22 BCN F . -2.93 -22.15 -23.69
C3 BCN F . -4.22 -18.96 -22.20
C3 BCN F . -3.91 -18.84 -22.18
C4 BCN F . -3.55 -19.20 -20.84
C4 BCN F . -3.23 -19.65 -21.09
O4 BCN F . -3.68 -18.05 -20.01
O4 BCN F . -2.08 -20.33 -21.64
C5 BCN F . -3.36 -17.53 -23.90
C5 BCN F . -3.31 -17.52 -24.08
C6 BCN F . -2.26 -17.35 -24.95
C6 BCN F . -2.13 -17.17 -24.96
O6 BCN F . -1.00 -17.24 -24.29
O6 BCN F . -1.17 -16.41 -24.22
N1 BCN G . 1.51 -17.37 -21.73
C1 BCN G . 0.88 -16.19 -21.09
C2 BCN G . -0.48 -16.56 -20.53
O21 BCN G . -1.31 -17.06 -21.31
O22 BCN G . -0.72 -16.34 -19.32
C3 BCN G . 2.29 -18.15 -20.74
C4 BCN G . 1.97 -19.64 -20.82
O4 BCN G . 0.54 -19.82 -20.84
C5 BCN G . 2.34 -16.95 -22.87
C6 BCN G . 2.72 -18.13 -23.76
O6 BCN G . 1.55 -18.93 -24.03
MG MG H . -0.44 -18.87 -22.75
CO CO I . 0.69 -11.62 -22.92
C1 YC8 J . 1.00 8.13 26.30
N1 YC8 J . -0.53 12.05 25.36
O1 YC8 J . 2.15 7.81 26.03
C2 YC8 J . 0.48 9.50 25.96
N2 YC8 J . 1.99 9.63 24.02
O2 YC8 J . 0.15 7.34 26.92
C3 YC8 J . -0.50 10.09 26.75
O3 YC8 J . 2.35 11.35 22.59
C4 YC8 J . -0.97 11.35 26.41
C5 YC8 J . 0.42 11.49 24.59
C6 YC8 J . 0.96 10.22 24.83
C7 YC8 J . 2.62 10.24 23.00
C8 YC8 J . 3.75 9.44 22.37
C9 YC8 J . 5.06 10.21 22.51
C10 YC8 J . 6.26 9.43 22.00
C11 YC8 J . 7.52 10.24 22.16
C12 YC8 J . 8.34 10.07 23.27
C13 YC8 J . 9.51 10.82 23.40
C14 YC8 J . 9.84 11.76 22.44
C15 YC8 J . 9.02 11.95 21.34
C16 YC8 J . 7.86 11.19 21.19
ZN ZN K . 2.63 29.02 1.80
MG MG L . -7.39 30.94 26.18
N1 BCN M . 5.82 15.62 20.86
C1 BCN M . 7.09 14.97 20.47
C2 BCN M . 6.88 14.10 19.24
O21 BCN M . 7.89 13.68 18.64
O22 BCN M . 5.72 13.84 18.86
C3 BCN M . 5.84 17.05 20.48
C4 BCN M . 5.67 17.21 18.98
O4 BCN M . 4.66 16.32 18.49
C5 BCN M . 5.58 15.50 22.31
C6 BCN M . 5.00 14.12 22.66
O6 BCN M . 3.75 13.92 22.00
N1 BCN N . 1.00 14.14 19.19
C1 BCN N . 0.54 14.01 17.80
C2 BCN N . 1.66 14.38 16.86
O21 BCN N . 1.44 14.31 15.63
O22 BCN N . 2.76 14.73 17.33
C3 BCN N . 0.79 12.88 19.93
C4 BCN N . 1.76 11.78 19.46
O4 BCN N . 3.10 12.28 19.39
C5 BCN N . 0.31 15.26 19.86
C6 BCN N . 1.19 15.90 20.92
O6 BCN N . 2.40 16.41 20.34
MG MG O . 3.67 14.57 19.61
CO CO P . -1.62 13.91 24.67
#